data_5L7U
#
_entry.id   5L7U
#
_cell.length_a   55.345
_cell.length_b   142.207
_cell.length_c   145.806
_cell.angle_alpha   90.000
_cell.angle_beta   90.000
_cell.angle_gamma   90.000
#
_symmetry.space_group_name_H-M   'P 21 21 21'
#
loop_
_entity.id
_entity.type
_entity.pdbx_description
1 polymer 'Glycoside hydrolase'
2 non-polymer 2-acetamido-2-deoxy-beta-D-galactopyranose
3 non-polymer 'CHLORIDE ION'
4 water water
#
_entity_poly.entity_id   1
_entity_poly.type   'polypeptide(L)'
_entity_poly.pdbx_seq_one_letter_code
;MHHHHHHLEVLFQGPQTSEYYQEAANPIATNPALWAKVTAPQISWGSTDIRYKKEEPAPIHSAQKSMNLTAWKGEKISAQ
LVVWTPKVLNDLTFMVSDLTSGSATISKENIRTGFVRYVITDELNKDGLGACGYRNSADFDSTLVADVIDHITPTLTLPA
NSTQGGWISVNIPQGTKAGKYTGTVTVKADGITLSELKLNLQVKNRTLPPPSEWAFHLDLWQNPYAVSRYYNVEPFSKKH
FDLMRPLMKLYADAGGKVITASIMHKPWNGQTYDAFESMVTWLKKADGTWYFDYTVFDKWVEFMMDLGVKKQISCYSMVP
WRLSFQYFDQASNSFKFLDAKPGEVAYEEFWMNMLQDFSKHLKAKGWFDITHIAMDERPMKDMQETLKVIRKADKDFKVS
LAGTYHKELLDDLNDYCITIAEKFTPEEIEARRKAGKVTTYYTCCTEPRPNTFTFSEPAEAEWLAWHSAKENLDGYLRWA
LNSWVKNPLQDSRFTAWAAGDTYMIYPGARSSIRLERLTEGIQFFEKVRILKEEFEEKGNKGAIKNIDKTLKMFDESSMD
KISPTTAVNKAKKVINRY
;
_entity_poly.pdbx_strand_id   A,B
#
# COMPACT_ATOMS: atom_id res chain seq x y z
N GLN A 16 -9.75 11.34 -32.17
CA GLN A 16 -8.56 10.99 -33.03
C GLN A 16 -7.67 12.19 -33.43
N THR A 17 -8.20 13.42 -33.33
CA THR A 17 -7.40 14.64 -33.40
C THR A 17 -6.26 14.76 -32.33
N SER A 18 -6.54 14.27 -31.11
CA SER A 18 -5.54 14.18 -30.02
C SER A 18 -4.45 13.11 -30.32
N GLU A 19 -4.75 12.15 -31.20
CA GLU A 19 -3.75 11.18 -31.67
C GLU A 19 -2.81 11.70 -32.76
N TYR A 20 -2.98 12.94 -33.26
CA TYR A 20 -1.98 13.51 -34.20
C TYR A 20 -0.65 13.80 -33.44
N TYR A 21 0.47 13.77 -34.15
CA TYR A 21 1.75 13.89 -33.53
C TYR A 21 2.78 14.34 -34.53
N GLN A 22 3.91 14.74 -33.98
CA GLN A 22 5.09 15.09 -34.78
C GLN A 22 6.23 14.07 -34.62
N GLU A 23 6.95 13.80 -35.70
CA GLU A 23 8.15 12.97 -35.62
C GLU A 23 9.30 13.69 -34.95
N ALA A 24 10.29 12.96 -34.44
CA ALA A 24 11.55 13.54 -33.93
C ALA A 24 12.34 14.12 -35.10
N ALA A 25 13.28 15.02 -34.80
CA ALA A 25 14.23 15.52 -35.82
C ALA A 25 15.05 14.37 -36.44
N ASN A 26 15.34 14.46 -37.75
CA ASN A 26 16.23 13.53 -38.38
C ASN A 26 17.68 13.83 -37.99
N PRO A 27 18.40 12.85 -37.34
CA PRO A 27 19.83 13.12 -36.98
C PRO A 27 20.74 13.15 -38.18
N ILE A 28 20.25 12.69 -39.35
CA ILE A 28 20.95 12.85 -40.61
C ILE A 28 20.39 14.08 -41.35
N ALA A 29 21.22 15.11 -41.53
CA ALA A 29 20.88 16.30 -42.34
C ALA A 29 20.72 15.96 -43.82
N THR A 30 19.96 16.80 -44.51
CA THR A 30 19.55 16.59 -45.88
C THR A 30 20.53 17.27 -46.81
N ASN A 31 21.10 16.52 -47.72
CA ASN A 31 21.99 17.06 -48.72
C ASN A 31 21.16 17.62 -49.87
N PRO A 32 21.05 18.96 -49.98
CA PRO A 32 20.30 19.52 -51.07
C PRO A 32 20.85 19.20 -52.50
N ALA A 33 22.14 18.94 -52.64
CA ALA A 33 22.68 18.56 -53.95
C ALA A 33 22.12 17.20 -54.44
N LEU A 34 21.81 16.30 -53.49
CA LEU A 34 21.23 15.01 -53.82
C LEU A 34 19.82 15.17 -54.39
N TRP A 35 19.17 16.28 -54.07
CA TRP A 35 17.86 16.62 -54.59
C TRP A 35 17.89 17.54 -55.82
N ALA A 36 19.05 18.08 -56.18
CA ALA A 36 19.14 18.98 -57.37
C ALA A 36 18.53 18.39 -58.63
N LYS A 37 18.68 17.08 -58.83
CA LYS A 37 18.14 16.38 -60.02
C LYS A 37 16.62 16.09 -59.96
N VAL A 38 16.01 16.19 -58.79
CA VAL A 38 14.57 16.01 -58.66
C VAL A 38 13.89 17.37 -58.97
N THR A 39 13.23 17.46 -60.14
CA THR A 39 12.70 18.76 -60.63
C THR A 39 11.21 18.97 -60.33
N ALA A 40 10.47 17.89 -60.15
CA ALA A 40 9.08 17.98 -59.74
C ALA A 40 8.81 16.83 -58.77
N PRO A 41 7.72 16.93 -57.98
CA PRO A 41 7.25 15.83 -57.15
C PRO A 41 7.09 14.56 -57.96
N GLN A 42 7.49 13.45 -57.36
CA GLN A 42 7.49 12.14 -58.04
C GLN A 42 6.61 11.23 -57.24
N ILE A 43 5.93 10.32 -57.95
CA ILE A 43 5.13 9.32 -57.28
C ILE A 43 5.32 7.97 -57.99
N SER A 44 5.43 6.89 -57.22
CA SER A 44 5.57 5.57 -57.80
C SER A 44 5.13 4.52 -56.85
N TRP A 45 4.78 3.37 -57.38
CA TRP A 45 4.69 2.16 -56.55
C TRP A 45 6.08 1.82 -56.12
N GLY A 46 6.21 1.37 -54.88
CA GLY A 46 7.48 0.91 -54.32
C GLY A 46 7.27 -0.54 -53.90
N SER A 47 8.00 -1.00 -52.90
CA SER A 47 7.93 -2.36 -52.43
C SER A 47 7.56 -2.41 -50.94
N THR A 48 6.82 -3.44 -50.52
CA THR A 48 6.57 -3.70 -49.10
C THR A 48 7.77 -4.31 -48.37
N ASP A 49 8.86 -4.55 -49.11
CA ASP A 49 10.12 -5.00 -48.54
C ASP A 49 11.07 -3.90 -48.10
N ILE A 50 10.72 -2.64 -48.33
CA ILE A 50 11.66 -1.54 -48.19
C ILE A 50 11.09 -0.50 -47.28
N ARG A 51 11.94 -0.04 -46.38
CA ARG A 51 11.68 1.15 -45.59
C ARG A 51 12.40 2.32 -46.30
N TYR A 52 11.67 3.27 -46.86
CA TYR A 52 12.30 4.37 -47.64
C TYR A 52 12.88 5.41 -46.71
N LYS A 53 14.08 5.86 -46.98
CA LYS A 53 14.72 6.93 -46.17
C LYS A 53 14.03 8.26 -46.40
N LYS A 54 13.85 9.03 -45.32
CA LYS A 54 13.13 10.30 -45.40
C LYS A 54 13.92 11.35 -46.17
N GLU A 55 15.23 11.41 -45.93
CA GLU A 55 16.08 12.53 -46.39
C GLU A 55 16.75 12.36 -47.78
N GLU A 56 16.49 11.26 -48.48
CA GLU A 56 17.09 11.01 -49.77
C GLU A 56 15.97 10.70 -50.74
N PRO A 57 16.15 11.03 -52.04
CA PRO A 57 15.15 10.66 -53.04
C PRO A 57 14.92 9.17 -53.06
N ALA A 58 13.71 8.72 -53.34
CA ALA A 58 13.47 7.28 -53.47
C ALA A 58 14.47 6.71 -54.47
N PRO A 59 15.10 5.55 -54.17
CA PRO A 59 15.98 4.89 -55.16
C PRO A 59 15.17 4.21 -56.31
N ILE A 60 14.35 4.98 -57.01
CA ILE A 60 13.47 4.47 -58.09
C ILE A 60 13.84 5.32 -59.28
N HIS A 61 14.35 4.71 -60.32
CA HIS A 61 14.96 5.50 -61.41
C HIS A 61 14.07 5.72 -62.61
N SER A 62 12.99 4.96 -62.68
CA SER A 62 11.84 5.32 -63.51
C SER A 62 10.57 4.76 -62.88
N ALA A 63 9.51 5.56 -62.88
CA ALA A 63 8.34 5.32 -62.02
C ALA A 63 7.52 4.12 -62.47
N GLN A 64 6.99 3.38 -61.50
CA GLN A 64 6.12 2.23 -61.79
C GLN A 64 4.69 2.72 -61.51
N LYS A 65 3.85 2.75 -62.55
CA LYS A 65 2.49 3.28 -62.44
C LYS A 65 1.45 2.23 -62.11
N SER A 66 1.74 0.97 -62.44
CA SER A 66 0.87 -0.16 -62.14
C SER A 66 1.42 -1.16 -61.12
N MET A 67 0.53 -1.65 -60.25
CA MET A 67 0.82 -2.69 -59.25
C MET A 67 -0.15 -3.89 -59.47
N ASN A 68 0.38 -5.10 -59.63
CA ASN A 68 -0.43 -6.33 -59.81
C ASN A 68 -0.31 -7.24 -58.58
N LEU A 69 -1.45 -7.51 -57.95
CA LEU A 69 -1.50 -8.37 -56.77
C LEU A 69 -2.42 -9.58 -56.98
N THR A 70 -2.10 -10.66 -56.28
CA THR A 70 -2.90 -11.86 -56.26
C THR A 70 -3.24 -12.20 -54.82
N ALA A 71 -4.46 -12.66 -54.57
CA ALA A 71 -4.87 -13.05 -53.24
C ALA A 71 -6.08 -13.94 -53.24
N TRP A 72 -6.26 -14.66 -52.13
CA TRP A 72 -7.47 -15.42 -51.90
C TRP A 72 -8.57 -14.48 -51.42
N LYS A 73 -9.82 -14.91 -51.52
CA LYS A 73 -10.92 -14.26 -50.84
C LYS A 73 -10.61 -14.33 -49.32
N GLY A 74 -10.99 -13.31 -48.57
CA GLY A 74 -10.73 -13.25 -47.15
C GLY A 74 -9.33 -12.82 -46.78
N GLU A 75 -8.44 -12.69 -47.74
CA GLU A 75 -7.07 -12.34 -47.44
C GLU A 75 -6.89 -10.82 -47.36
N LYS A 76 -6.04 -10.39 -46.43
CA LYS A 76 -5.50 -9.04 -46.38
C LYS A 76 -4.16 -8.97 -47.13
N ILE A 77 -4.03 -8.03 -48.06
CA ILE A 77 -2.85 -7.93 -48.92
C ILE A 77 -2.48 -6.45 -49.04
N SER A 78 -1.19 -6.17 -49.07
CA SER A 78 -0.73 -4.79 -48.96
C SER A 78 0.17 -4.40 -50.08
N ALA A 79 0.26 -3.10 -50.36
CA ALA A 79 1.25 -2.54 -51.29
C ALA A 79 1.78 -1.21 -50.72
N GLN A 80 2.96 -0.80 -51.14
CA GLN A 80 3.52 0.49 -50.69
C GLN A 80 3.80 1.39 -51.86
N LEU A 81 3.30 2.61 -51.77
CA LEU A 81 3.64 3.65 -52.75
C LEU A 81 4.61 4.63 -52.07
N VAL A 82 5.31 5.41 -52.90
CA VAL A 82 6.26 6.43 -52.46
C VAL A 82 6.09 7.73 -53.23
N VAL A 83 6.12 8.81 -52.48
CA VAL A 83 6.11 10.19 -52.99
C VAL A 83 7.40 10.86 -52.55
N TRP A 84 8.08 11.56 -53.44
CA TRP A 84 9.27 12.31 -53.02
C TRP A 84 9.33 13.65 -53.73
N THR A 85 9.71 14.71 -53.02
CA THR A 85 9.41 16.04 -53.48
C THR A 85 10.55 17.01 -53.22
N PRO A 86 10.88 17.88 -54.19
CA PRO A 86 11.86 18.95 -53.98
C PRO A 86 11.22 20.25 -53.49
N LYS A 87 9.90 20.26 -53.29
CA LYS A 87 9.20 21.40 -52.72
C LYS A 87 8.18 20.98 -51.64
N VAL A 88 7.70 21.97 -50.89
CA VAL A 88 6.68 21.76 -49.88
C VAL A 88 5.38 21.23 -50.54
N LEU A 89 4.86 20.12 -50.00
CA LEU A 89 3.55 19.60 -50.33
C LEU A 89 2.61 19.73 -49.17
N ASN A 90 1.66 20.65 -49.29
CA ASN A 90 0.67 20.92 -48.25
C ASN A 90 -0.49 19.96 -48.38
N ASP A 91 -0.80 19.28 -47.28
CA ASP A 91 -1.99 18.44 -47.16
C ASP A 91 -1.97 17.30 -48.16
N LEU A 92 -0.87 16.57 -48.16
CA LEU A 92 -0.76 15.33 -48.90
C LEU A 92 -1.83 14.35 -48.41
N THR A 93 -2.60 13.81 -49.33
CA THR A 93 -3.63 12.81 -49.04
C THR A 93 -3.56 11.67 -50.07
N PHE A 94 -3.87 10.46 -49.60
CA PHE A 94 -4.07 9.29 -50.43
C PHE A 94 -5.54 8.93 -50.35
N MET A 95 -6.13 8.51 -51.46
CA MET A 95 -7.42 7.81 -51.40
C MET A 95 -7.49 6.75 -52.48
N VAL A 96 -8.27 5.70 -52.21
CA VAL A 96 -8.37 4.54 -53.11
C VAL A 96 -9.82 4.41 -53.57
N SER A 97 -10.00 4.18 -54.87
CA SER A 97 -11.31 3.93 -55.44
C SER A 97 -11.84 2.56 -55.00
N ASP A 98 -13.12 2.30 -55.28
CA ASP A 98 -13.63 0.95 -55.28
C ASP A 98 -12.83 0.20 -56.32
N LEU A 99 -12.62 -1.09 -56.06
CA LEU A 99 -12.02 -1.98 -57.05
C LEU A 99 -13.20 -2.62 -57.77
N THR A 100 -13.15 -2.73 -59.09
CA THR A 100 -14.27 -3.26 -59.83
C THR A 100 -13.86 -4.36 -60.81
N SER A 101 -14.72 -5.38 -60.96
CA SER A 101 -14.56 -6.50 -61.93
C SER A 101 -15.88 -6.86 -62.62
N GLY A 102 -16.06 -6.34 -63.83
CA GLY A 102 -17.37 -6.33 -64.48
C GLY A 102 -18.38 -5.61 -63.58
N SER A 103 -19.54 -6.22 -63.36
CA SER A 103 -20.51 -5.65 -62.40
C SER A 103 -20.19 -5.80 -60.89
N ALA A 104 -19.18 -6.58 -60.48
CA ALA A 104 -18.86 -6.79 -59.07
C ALA A 104 -17.85 -5.77 -58.59
N THR A 105 -17.86 -5.51 -57.27
CA THR A 105 -16.98 -4.50 -56.68
C THR A 105 -16.41 -4.94 -55.32
N ILE A 106 -15.14 -4.60 -55.04
CA ILE A 106 -14.63 -4.58 -53.65
C ILE A 106 -14.82 -3.13 -53.22
N SER A 107 -15.67 -2.91 -52.24
CA SER A 107 -15.92 -1.57 -51.76
C SER A 107 -14.68 -0.97 -51.05
N LYS A 108 -14.44 0.33 -51.27
CA LYS A 108 -13.26 0.99 -50.71
C LYS A 108 -13.25 1.19 -49.19
N GLU A 109 -14.39 0.94 -48.54
CA GLU A 109 -14.48 0.70 -47.09
C GLU A 109 -13.56 -0.41 -46.57
N ASN A 110 -13.22 -1.35 -47.44
CA ASN A 110 -12.37 -2.49 -47.09
C ASN A 110 -10.91 -2.19 -47.28
N ILE A 111 -10.58 -0.97 -47.69
CA ILE A 111 -9.24 -0.60 -48.03
C ILE A 111 -8.77 0.46 -47.05
N ARG A 112 -7.64 0.21 -46.44
CA ARG A 112 -7.08 1.08 -45.44
C ARG A 112 -5.87 1.74 -46.06
N THR A 113 -5.77 3.07 -45.95
CA THR A 113 -4.54 3.76 -46.24
C THR A 113 -3.85 4.40 -45.00
N GLY A 114 -2.51 4.45 -45.05
CA GLY A 114 -1.75 5.14 -44.01
C GLY A 114 -0.43 5.71 -44.49
N PHE A 115 0.01 6.77 -43.83
CA PHE A 115 1.41 7.27 -44.06
C PHE A 115 2.39 6.40 -43.29
N VAL A 116 3.45 5.95 -43.94
CA VAL A 116 4.48 5.19 -43.29
C VAL A 116 5.43 6.19 -42.62
N ARG A 117 5.24 6.38 -41.33
CA ARG A 117 5.93 7.46 -40.59
C ARG A 117 7.20 6.93 -39.93
N TYR A 118 8.02 7.86 -39.49
CA TYR A 118 9.39 7.60 -39.06
C TYR A 118 9.58 7.63 -37.54
N VAL A 119 10.44 6.72 -37.08
CA VAL A 119 10.82 6.59 -35.68
C VAL A 119 12.35 6.47 -35.54
N ILE A 120 12.91 7.04 -34.47
CA ILE A 120 14.36 6.85 -34.17
C ILE A 120 14.63 5.39 -33.81
N THR A 121 15.67 4.84 -34.45
CA THR A 121 16.19 3.49 -34.20
C THR A 121 17.71 3.55 -34.00
N ASP A 122 18.32 2.43 -33.58
CA ASP A 122 19.78 2.35 -33.53
C ASP A 122 20.32 1.23 -34.45
N GLU A 123 20.78 0.12 -33.90
CA GLU A 123 21.43 -0.97 -34.68
C GLU A 123 21.78 -2.16 -33.75
N LEU A 124 22.49 -3.15 -34.31
CA LEU A 124 23.10 -4.24 -33.53
C LEU A 124 24.36 -3.75 -32.81
N ALA A 131 21.98 -8.54 -29.73
CA ALA A 131 21.40 -7.25 -29.37
C ALA A 131 20.93 -7.18 -27.92
N CYS A 132 21.46 -8.02 -27.02
CA CYS A 132 21.02 -8.01 -25.63
C CYS A 132 21.88 -7.04 -24.82
N GLY A 133 21.59 -6.92 -23.53
CA GLY A 133 22.37 -6.09 -22.60
C GLY A 133 21.96 -4.63 -22.55
N TYR A 134 22.26 -3.98 -21.41
CA TYR A 134 21.99 -2.55 -21.20
C TYR A 134 22.71 -1.70 -22.25
N ARG A 135 22.08 -0.60 -22.67
CA ARG A 135 22.58 0.32 -23.69
C ARG A 135 22.58 1.75 -23.26
N ASN A 136 23.70 2.42 -23.54
CA ASN A 136 23.73 3.87 -23.71
C ASN A 136 23.53 4.19 -25.19
N SER A 137 22.41 4.85 -25.51
CA SER A 137 22.20 5.41 -26.84
C SER A 137 23.31 6.42 -27.08
N ALA A 138 24.00 6.33 -28.22
CA ALA A 138 24.73 7.47 -28.71
C ALA A 138 23.81 7.96 -29.86
N ASP A 139 23.37 9.22 -29.79
CA ASP A 139 22.55 9.82 -30.86
C ASP A 139 23.31 9.97 -32.20
N PHE A 140 24.64 9.97 -32.12
CA PHE A 140 25.54 9.67 -33.25
C PHE A 140 25.20 8.34 -33.98
N ASP A 141 24.74 7.29 -33.25
CA ASP A 141 24.39 5.91 -33.79
C ASP A 141 22.94 5.72 -34.25
N SER A 142 22.25 6.82 -34.44
CA SER A 142 20.81 6.80 -34.52
C SER A 142 20.37 7.38 -35.84
N THR A 143 19.17 7.01 -36.23
CA THR A 143 18.69 7.23 -37.59
C THR A 143 17.16 7.18 -37.53
N LEU A 144 16.48 7.88 -38.43
CA LEU A 144 15.03 7.73 -38.59
C LEU A 144 14.76 6.60 -39.54
N VAL A 145 13.79 5.74 -39.18
CA VAL A 145 13.39 4.61 -40.04
C VAL A 145 11.86 4.55 -40.20
N ALA A 146 11.40 4.26 -41.40
CA ALA A 146 9.98 4.12 -41.70
C ALA A 146 9.42 2.84 -41.06
N ASP A 147 8.40 2.98 -40.20
CA ASP A 147 7.82 1.82 -39.52
C ASP A 147 6.36 1.94 -39.14
N VAL A 148 5.87 3.14 -38.83
CA VAL A 148 4.52 3.34 -38.30
C VAL A 148 3.51 3.39 -39.44
N ILE A 149 2.45 2.59 -39.38
CA ILE A 149 1.37 2.70 -40.38
C ILE A 149 0.33 3.66 -39.80
N ASP A 150 0.43 4.94 -40.17
CA ASP A 150 -0.44 5.96 -39.59
C ASP A 150 -1.69 6.14 -40.46
N HIS A 151 -2.75 5.39 -40.13
CA HIS A 151 -4.03 5.44 -40.81
C HIS A 151 -4.99 6.45 -40.16
N ILE A 152 -4.53 7.24 -39.19
CA ILE A 152 -5.39 8.15 -38.47
C ILE A 152 -5.29 9.57 -38.97
N THR A 153 -4.04 10.09 -39.08
CA THR A 153 -3.84 11.45 -39.59
C THR A 153 -4.34 11.45 -41.06
N PRO A 154 -5.34 12.29 -41.40
CA PRO A 154 -5.90 12.26 -42.77
C PRO A 154 -5.04 12.97 -43.81
N THR A 155 -4.27 13.99 -43.41
CA THR A 155 -3.32 14.66 -44.31
C THR A 155 -1.93 14.93 -43.61
N LEU A 156 -0.85 14.95 -44.39
CA LEU A 156 0.47 15.42 -43.92
C LEU A 156 1.00 16.48 -44.83
N THR A 157 1.66 17.47 -44.24
CA THR A 157 2.47 18.43 -45.00
C THR A 157 3.93 17.98 -45.02
N LEU A 158 4.49 17.75 -46.21
CA LEU A 158 5.87 17.30 -46.31
C LEU A 158 6.77 18.48 -46.56
N PRO A 159 7.89 18.58 -45.81
CA PRO A 159 8.84 19.63 -46.19
C PRO A 159 9.54 19.35 -47.54
N ALA A 160 10.10 20.38 -48.12
CA ALA A 160 10.94 20.24 -49.33
C ALA A 160 12.05 19.20 -49.10
N ASN A 161 12.35 18.44 -50.15
CA ASN A 161 13.47 17.46 -50.16
C ASN A 161 13.19 16.40 -49.11
N SER A 162 12.07 15.73 -49.29
CA SER A 162 11.73 14.59 -48.44
C SER A 162 10.91 13.56 -49.20
N THR A 163 10.92 12.35 -48.63
CA THR A 163 10.34 11.18 -49.19
C THR A 163 9.34 10.65 -48.15
N GLN A 164 8.23 10.06 -48.62
CA GLN A 164 7.15 9.64 -47.76
C GLN A 164 6.47 8.44 -48.34
N GLY A 165 6.50 7.33 -47.60
CA GLY A 165 5.77 6.15 -47.99
C GLY A 165 4.28 6.18 -47.66
N GLY A 166 3.50 5.45 -48.47
CA GLY A 166 2.05 5.24 -48.22
C GLY A 166 1.75 3.75 -48.24
N TRP A 167 1.10 3.25 -47.18
CA TRP A 167 0.75 1.83 -47.08
C TRP A 167 -0.72 1.63 -47.45
N ILE A 168 -1.01 0.66 -48.30
CA ILE A 168 -2.37 0.39 -48.74
C ILE A 168 -2.70 -1.07 -48.39
N SER A 169 -3.75 -1.29 -47.60
CA SER A 169 -4.17 -2.64 -47.15
C SER A 169 -5.53 -2.94 -47.76
N VAL A 170 -5.64 -3.98 -48.55
CA VAL A 170 -6.93 -4.33 -49.12
C VAL A 170 -7.39 -5.56 -48.32
N ASN A 171 -8.50 -5.42 -47.61
CA ASN A 171 -9.12 -6.54 -46.88
C ASN A 171 -10.16 -7.14 -47.81
N ILE A 172 -9.86 -8.26 -48.45
CA ILE A 172 -10.80 -8.78 -49.47
C ILE A 172 -11.97 -9.49 -48.80
N PRO A 173 -13.22 -9.00 -49.01
CA PRO A 173 -14.30 -9.67 -48.25
C PRO A 173 -14.43 -11.11 -48.68
N GLN A 174 -14.96 -11.89 -47.78
CA GLN A 174 -15.10 -13.28 -47.95
C GLN A 174 -16.02 -13.69 -49.14
N GLY A 175 -17.15 -13.00 -49.32
CA GLY A 175 -18.06 -13.25 -50.47
C GLY A 175 -17.69 -12.63 -51.84
N THR A 176 -16.51 -12.02 -51.93
CA THR A 176 -16.03 -11.46 -53.19
C THR A 176 -16.02 -12.47 -54.34
N LYS A 177 -16.52 -12.08 -55.51
N LYS A 177 -16.54 -12.10 -55.52
CA LYS A 177 -16.44 -12.94 -56.70
CA LYS A 177 -16.45 -13.01 -56.67
C LYS A 177 -14.99 -13.01 -57.16
C LYS A 177 -15.00 -13.02 -57.17
N ALA A 178 -14.51 -14.20 -57.52
CA ALA A 178 -13.15 -14.36 -58.09
C ALA A 178 -13.02 -13.64 -59.45
N GLY A 179 -11.80 -13.21 -59.76
CA GLY A 179 -11.48 -12.61 -61.05
C GLY A 179 -10.63 -11.38 -60.91
N LYS A 180 -10.63 -10.56 -61.95
CA LYS A 180 -9.69 -9.46 -62.12
C LYS A 180 -10.35 -8.18 -61.66
N TYR A 181 -9.73 -7.51 -60.71
CA TYR A 181 -10.28 -6.26 -60.15
C TYR A 181 -9.32 -5.15 -60.46
N THR A 182 -9.88 -3.99 -60.78
CA THR A 182 -9.07 -2.85 -61.13
C THR A 182 -9.54 -1.63 -60.34
N GLY A 183 -8.59 -0.77 -60.02
CA GLY A 183 -8.87 0.42 -59.24
C GLY A 183 -7.73 1.42 -59.28
N THR A 184 -7.97 2.54 -58.64
CA THR A 184 -7.07 3.69 -58.74
C THR A 184 -6.68 4.22 -57.35
N VAL A 185 -5.39 4.49 -57.17
CA VAL A 185 -4.91 5.25 -56.00
C VAL A 185 -4.60 6.67 -56.44
N THR A 186 -5.30 7.62 -55.83
CA THR A 186 -5.20 9.04 -56.15
C THR A 186 -4.44 9.73 -55.01
N VAL A 187 -3.35 10.40 -55.37
CA VAL A 187 -2.54 11.16 -54.42
C VAL A 187 -2.72 12.62 -54.75
N LYS A 188 -3.02 13.43 -53.73
CA LYS A 188 -3.31 14.86 -53.87
C LYS A 188 -2.54 15.67 -52.85
N ALA A 189 -2.29 16.94 -53.18
CA ALA A 189 -1.55 17.89 -52.34
C ALA A 189 -1.85 19.27 -52.89
N ASP A 190 -1.95 20.26 -52.01
CA ASP A 190 -2.46 21.53 -52.44
C ASP A 190 -1.46 22.61 -52.05
N LEU A 194 -0.04 15.93 -59.72
CA LEU A 194 -0.42 14.83 -58.82
C LEU A 194 -0.04 13.53 -59.50
N SER A 195 -0.65 12.43 -59.08
CA SER A 195 -0.87 11.32 -60.03
C SER A 195 -1.91 10.35 -59.48
N GLU A 196 -2.34 9.55 -60.46
CA GLU A 196 -3.07 8.33 -60.23
C GLU A 196 -2.10 7.15 -60.38
N LEU A 197 -2.15 6.22 -59.45
CA LEU A 197 -1.49 4.95 -59.62
C LEU A 197 -2.56 3.88 -59.89
N LYS A 198 -2.25 2.87 -60.70
CA LYS A 198 -3.20 1.79 -60.98
C LYS A 198 -2.95 0.58 -60.10
N LEU A 199 -4.04 0.05 -59.57
CA LEU A 199 -4.03 -1.12 -58.69
C LEU A 199 -4.83 -2.23 -59.36
N ASN A 200 -4.16 -3.34 -59.65
CA ASN A 200 -4.80 -4.53 -60.19
C ASN A 200 -4.76 -5.67 -59.16
N LEU A 201 -5.89 -6.35 -58.98
CA LEU A 201 -5.98 -7.41 -58.00
C LEU A 201 -6.69 -8.63 -58.59
N GLN A 202 -5.94 -9.74 -58.69
CA GLN A 202 -6.49 -11.01 -59.10
C GLN A 202 -6.98 -11.76 -57.87
N VAL A 203 -8.29 -11.88 -57.74
CA VAL A 203 -8.86 -12.64 -56.65
C VAL A 203 -9.10 -14.08 -57.08
N LYS A 204 -8.41 -15.00 -56.39
CA LYS A 204 -8.52 -16.43 -56.69
C LYS A 204 -9.77 -17.08 -56.14
N ASN A 205 -10.02 -18.30 -56.59
CA ASN A 205 -11.20 -19.07 -56.16
C ASN A 205 -11.22 -19.61 -54.78
N ARG A 206 -10.13 -19.48 -54.06
CA ARG A 206 -9.98 -20.04 -52.72
C ARG A 206 -10.30 -18.97 -51.68
N THR A 207 -10.81 -19.43 -50.55
CA THR A 207 -11.26 -18.60 -49.45
C THR A 207 -10.37 -18.82 -48.20
N LEU A 208 -9.87 -17.74 -47.65
CA LEU A 208 -9.15 -17.77 -46.36
C LEU A 208 -10.14 -17.46 -45.24
N PRO A 209 -10.17 -18.29 -44.19
CA PRO A 209 -11.14 -17.99 -43.14
C PRO A 209 -10.77 -16.72 -42.39
N PRO A 210 -11.74 -16.15 -41.65
CA PRO A 210 -11.44 -14.97 -40.87
C PRO A 210 -10.45 -15.29 -39.70
N PRO A 211 -9.73 -14.28 -39.21
CA PRO A 211 -8.70 -14.49 -38.17
C PRO A 211 -9.16 -15.35 -36.99
N SER A 212 -10.41 -15.16 -36.51
CA SER A 212 -10.94 -15.97 -35.41
C SER A 212 -10.87 -17.46 -35.65
N GLU A 213 -10.81 -17.90 -36.92
CA GLU A 213 -10.70 -19.32 -37.29
C GLU A 213 -9.29 -19.84 -37.63
N TRP A 214 -8.25 -19.00 -37.57
CA TRP A 214 -6.88 -19.43 -37.89
C TRP A 214 -6.30 -20.36 -36.82
N ALA A 215 -5.63 -21.41 -37.27
CA ALA A 215 -4.96 -22.33 -36.33
C ALA A 215 -3.74 -21.69 -35.63
N PHE A 216 -3.04 -20.81 -36.33
CA PHE A 216 -1.74 -20.30 -35.89
C PHE A 216 -1.80 -19.74 -34.46
N HIS A 217 -0.93 -20.25 -33.62
CA HIS A 217 -0.89 -19.86 -32.22
C HIS A 217 0.05 -18.65 -32.09
N LEU A 218 -0.49 -17.45 -32.26
CA LEU A 218 0.24 -16.23 -32.03
C LEU A 218 0.11 -15.77 -30.57
N ASP A 219 1.25 -15.56 -29.92
CA ASP A 219 1.31 -15.02 -28.55
C ASP A 219 2.25 -13.78 -28.51
N LEU A 220 1.67 -12.58 -28.31
CA LEU A 220 2.44 -11.31 -28.21
C LEU A 220 2.01 -10.68 -26.90
N TRP A 221 2.90 -10.65 -25.93
CA TRP A 221 2.50 -10.35 -24.54
C TRP A 221 1.99 -8.94 -24.47
N GLN A 222 0.83 -8.74 -23.86
CA GLN A 222 0.21 -7.45 -23.81
C GLN A 222 0.62 -6.68 -22.50
N ASN A 223 0.77 -5.38 -22.60
CA ASN A 223 1.05 -4.53 -21.46
C ASN A 223 0.01 -3.43 -21.31
N PRO A 224 -1.05 -3.71 -20.55
CA PRO A 224 -2.05 -2.68 -20.38
C PRO A 224 -1.57 -1.46 -19.59
N TYR A 225 -0.57 -1.61 -18.72
CA TYR A 225 -0.09 -0.50 -17.90
C TYR A 225 0.62 0.53 -18.73
N ALA A 226 1.22 0.13 -19.87
CA ALA A 226 1.82 1.09 -20.79
C ALA A 226 0.78 2.08 -21.36
N VAL A 227 -0.44 1.60 -21.58
CA VAL A 227 -1.48 2.41 -22.21
C VAL A 227 -2.05 3.38 -21.18
N SER A 228 -2.33 2.91 -19.96
CA SER A 228 -2.79 3.83 -18.91
C SER A 228 -1.74 4.89 -18.61
N ARG A 229 -0.44 4.55 -18.58
CA ARG A 229 0.59 5.57 -18.37
C ARG A 229 0.68 6.53 -19.54
N TYR A 230 0.77 6.04 -20.77
CA TYR A 230 0.92 6.93 -21.91
C TYR A 230 -0.19 7.97 -22.02
N TYR A 231 -1.44 7.54 -21.92
CA TYR A 231 -2.59 8.46 -21.99
C TYR A 231 -2.96 9.11 -20.66
N ASN A 232 -2.23 8.80 -19.59
CA ASN A 232 -2.49 9.33 -18.27
C ASN A 232 -3.97 9.14 -17.79
N VAL A 233 -4.47 7.91 -17.88
CA VAL A 233 -5.81 7.61 -17.45
C VAL A 233 -5.74 6.56 -16.38
N GLU A 234 -6.81 6.46 -15.59
CA GLU A 234 -6.90 5.49 -14.51
C GLU A 234 -6.90 4.09 -15.09
N PRO A 235 -6.05 3.20 -14.55
CA PRO A 235 -6.00 1.82 -15.05
C PRO A 235 -7.33 1.07 -14.81
N PHE A 236 -7.81 0.52 -15.90
CA PHE A 236 -8.96 -0.38 -15.98
C PHE A 236 -10.24 0.41 -15.83
N SER A 237 -10.17 1.71 -16.06
CA SER A 237 -11.36 2.57 -16.20
C SER A 237 -11.97 2.38 -17.59
N LYS A 238 -13.15 2.93 -17.77
CA LYS A 238 -13.81 2.95 -19.12
C LYS A 238 -12.95 3.60 -20.22
N LYS A 239 -12.33 4.74 -19.92
CA LYS A 239 -11.39 5.39 -20.81
C LYS A 239 -10.22 4.50 -21.20
N HIS A 240 -9.63 3.83 -20.20
CA HIS A 240 -8.53 2.91 -20.47
C HIS A 240 -8.97 1.81 -21.45
N PHE A 241 -10.11 1.16 -21.18
CA PHE A 241 -10.59 0.10 -22.04
C PHE A 241 -11.01 0.61 -23.43
N ASP A 242 -11.60 1.80 -23.51
CA ASP A 242 -11.92 2.39 -24.81
C ASP A 242 -10.67 2.61 -25.64
N LEU A 243 -9.59 3.07 -25.02
CA LEU A 243 -8.31 3.22 -25.71
C LEU A 243 -7.69 1.89 -26.12
N MET A 244 -7.80 0.86 -25.28
CA MET A 244 -7.28 -0.43 -25.61
C MET A 244 -8.04 -1.21 -26.66
N ARG A 245 -9.32 -0.94 -26.87
CA ARG A 245 -10.10 -1.80 -27.76
C ARG A 245 -9.50 -1.85 -29.15
N PRO A 246 -9.32 -0.70 -29.83
CA PRO A 246 -8.78 -0.86 -31.19
C PRO A 246 -7.34 -1.31 -31.19
N LEU A 247 -6.62 -1.03 -30.12
CA LEU A 247 -5.22 -1.43 -30.05
C LEU A 247 -5.06 -2.94 -29.96
N MET A 248 -5.83 -3.57 -29.06
CA MET A 248 -5.82 -5.03 -28.92
C MET A 248 -6.52 -5.73 -30.09
N LYS A 249 -7.48 -5.06 -30.73
CA LYS A 249 -8.07 -5.60 -31.98
C LYS A 249 -7.00 -5.85 -33.07
N LEU A 250 -5.92 -5.05 -33.11
CA LEU A 250 -4.78 -5.34 -33.99
C LEU A 250 -4.18 -6.70 -33.73
N TYR A 251 -4.04 -7.06 -32.44
CA TYR A 251 -3.54 -8.36 -32.08
C TYR A 251 -4.55 -9.49 -32.45
N ALA A 252 -5.82 -9.33 -32.10
CA ALA A 252 -6.83 -10.35 -32.41
C ALA A 252 -7.00 -10.59 -33.93
N ASP A 253 -6.95 -9.53 -34.74
CA ASP A 253 -6.98 -9.66 -36.24
C ASP A 253 -5.72 -10.23 -36.87
N ALA A 254 -4.60 -10.29 -36.12
CA ALA A 254 -3.44 -11.04 -36.53
C ALA A 254 -3.49 -12.52 -36.10
N GLY A 255 -4.59 -12.96 -35.43
CA GLY A 255 -4.68 -14.30 -34.97
C GLY A 255 -4.24 -14.55 -33.52
N GLY A 256 -4.18 -13.49 -32.71
CA GLY A 256 -3.76 -13.59 -31.32
C GLY A 256 -4.60 -14.58 -30.53
N LYS A 257 -3.92 -15.50 -29.85
CA LYS A 257 -4.63 -16.52 -29.07
C LYS A 257 -4.53 -16.41 -27.53
N VAL A 258 -3.57 -15.62 -27.04
CA VAL A 258 -3.15 -15.72 -25.62
C VAL A 258 -3.35 -14.40 -24.91
N ILE A 259 -4.02 -14.43 -23.78
CA ILE A 259 -4.15 -13.29 -22.89
C ILE A 259 -3.00 -13.26 -21.87
N THR A 260 -2.30 -12.15 -21.75
CA THR A 260 -1.27 -11.99 -20.72
C THR A 260 -1.87 -11.48 -19.44
N ALA A 261 -1.62 -12.13 -18.30
CA ALA A 261 -2.09 -11.62 -17.02
C ALA A 261 -0.96 -11.58 -16.02
N SER A 262 -0.87 -10.50 -15.28
CA SER A 262 0.09 -10.38 -14.20
C SER A 262 -0.69 -10.67 -12.96
N ILE A 263 -0.48 -11.84 -12.36
CA ILE A 263 -1.19 -12.20 -11.11
C ILE A 263 -0.41 -11.79 -9.82
N MET A 264 0.71 -11.11 -9.99
CA MET A 264 1.46 -10.59 -8.84
C MET A 264 2.21 -9.33 -9.27
N HIS A 265 2.88 -8.68 -8.32
CA HIS A 265 3.50 -7.40 -8.51
C HIS A 265 4.85 -7.59 -9.16
N LYS A 266 5.01 -6.99 -10.35
CA LYS A 266 6.24 -6.94 -11.11
C LYS A 266 6.84 -8.29 -11.47
N PRO A 267 6.13 -9.11 -12.26
CA PRO A 267 6.65 -10.42 -12.66
C PRO A 267 8.02 -10.39 -13.30
N TRP A 268 8.32 -9.32 -14.02
CA TRP A 268 9.59 -9.17 -14.68
C TRP A 268 10.44 -8.10 -14.01
N ASN A 269 10.19 -7.77 -12.75
CA ASN A 269 11.02 -6.79 -12.00
C ASN A 269 11.22 -5.46 -12.72
N GLY A 270 10.16 -4.98 -13.37
CA GLY A 270 10.17 -3.68 -14.04
C GLY A 270 11.19 -3.54 -15.14
N GLN A 271 11.36 -4.57 -15.98
CA GLN A 271 12.34 -4.49 -17.07
C GLN A 271 11.90 -3.58 -18.17
N THR A 272 10.58 -3.43 -18.37
CA THR A 272 10.02 -2.50 -19.35
C THR A 272 9.83 -1.12 -18.70
N TYR A 273 9.59 -0.09 -19.53
CA TYR A 273 9.38 1.26 -19.05
C TYR A 273 8.26 1.31 -18.02
N ASP A 274 7.19 0.61 -18.31
CA ASP A 274 6.04 0.49 -17.43
C ASP A 274 6.07 -0.90 -16.82
N ALA A 275 6.19 -0.98 -15.51
CA ALA A 275 6.17 -2.25 -14.84
C ALA A 275 4.75 -2.80 -14.88
N PHE A 276 4.63 -4.11 -14.83
CA PHE A 276 3.35 -4.74 -14.70
C PHE A 276 2.99 -4.79 -13.21
N GLU A 277 1.83 -4.25 -12.85
CA GLU A 277 1.28 -4.33 -11.49
C GLU A 277 0.43 -5.55 -11.37
N SER A 278 0.06 -5.87 -10.12
CA SER A 278 -0.69 -7.09 -9.90
C SER A 278 -2.13 -6.85 -10.30
N MET A 279 -2.71 -7.77 -11.05
CA MET A 279 -4.16 -7.78 -11.31
C MET A 279 -4.96 -8.52 -10.25
N VAL A 280 -4.30 -8.95 -9.18
CA VAL A 280 -4.91 -9.66 -8.07
C VAL A 280 -4.53 -8.90 -6.79
N THR A 281 -5.50 -8.64 -5.94
CA THR A 281 -5.21 -8.10 -4.62
C THR A 281 -4.82 -9.26 -3.68
N TRP A 282 -3.63 -9.15 -3.12
CA TRP A 282 -3.10 -10.09 -2.12
C TRP A 282 -3.21 -9.47 -0.73
N LEU A 283 -4.31 -9.70 -0.02
CA LEU A 283 -4.50 -9.04 1.27
C LEU A 283 -4.37 -10.09 2.36
N LYS A 284 -3.32 -10.00 3.18
CA LYS A 284 -3.15 -10.85 4.36
C LYS A 284 -3.79 -10.15 5.52
N LYS A 285 -4.90 -10.68 5.98
CA LYS A 285 -5.66 -10.09 7.08
C LYS A 285 -4.99 -10.44 8.38
N ALA A 286 -5.27 -9.65 9.41
CA ALA A 286 -4.57 -9.78 10.72
C ALA A 286 -4.97 -11.01 11.52
N ASP A 287 -6.00 -11.75 11.08
CA ASP A 287 -6.41 -12.99 11.72
C ASP A 287 -5.83 -14.20 11.01
N GLY A 288 -4.85 -14.03 10.11
CA GLY A 288 -4.32 -15.17 9.42
C GLY A 288 -4.99 -15.54 8.12
N THR A 289 -6.20 -15.05 7.84
CA THR A 289 -6.86 -15.38 6.57
C THR A 289 -6.42 -14.38 5.51
N TRP A 290 -6.68 -14.75 4.27
CA TRP A 290 -6.29 -14.00 3.09
C TRP A 290 -7.56 -13.64 2.34
N TYR A 291 -7.56 -12.45 1.75
CA TYR A 291 -8.61 -12.03 0.86
C TYR A 291 -7.89 -11.77 -0.47
N PHE A 292 -8.28 -12.57 -1.48
CA PHE A 292 -7.76 -12.43 -2.84
C PHE A 292 -8.89 -11.90 -3.66
N ASP A 293 -8.66 -10.80 -4.36
CA ASP A 293 -9.68 -10.20 -5.17
C ASP A 293 -9.20 -10.09 -6.61
N TYR A 294 -10.03 -10.59 -7.50
CA TYR A 294 -9.67 -10.78 -8.89
C TYR A 294 -10.40 -9.80 -9.81
N THR A 295 -10.89 -8.68 -9.26
CA THR A 295 -11.70 -7.76 -10.03
C THR A 295 -10.97 -7.26 -11.28
N VAL A 296 -9.70 -6.88 -11.15
CA VAL A 296 -8.95 -6.39 -12.30
C VAL A 296 -8.75 -7.51 -13.31
N PHE A 297 -8.17 -8.61 -12.84
CA PHE A 297 -7.94 -9.80 -13.64
C PHE A 297 -9.17 -10.18 -14.48
N ASP A 298 -10.33 -10.28 -13.81
CA ASP A 298 -11.60 -10.61 -14.44
C ASP A 298 -12.01 -9.63 -15.52
N LYS A 299 -11.91 -8.32 -15.24
CA LYS A 299 -12.24 -7.29 -16.22
C LYS A 299 -11.37 -7.35 -17.49
N TRP A 300 -10.07 -7.49 -17.28
CA TRP A 300 -9.08 -7.65 -18.33
C TRP A 300 -9.32 -8.90 -19.17
N VAL A 301 -9.51 -10.02 -18.51
CA VAL A 301 -9.75 -11.25 -19.24
C VAL A 301 -11.06 -11.17 -20.04
N GLU A 302 -12.14 -10.70 -19.45
CA GLU A 302 -13.45 -10.59 -20.15
C GLU A 302 -13.37 -9.65 -21.34
N PHE A 303 -12.67 -8.54 -21.17
CA PHE A 303 -12.42 -7.59 -22.22
C PHE A 303 -11.74 -8.24 -23.44
N MET A 304 -10.65 -8.97 -23.18
CA MET A 304 -9.86 -9.57 -24.24
C MET A 304 -10.61 -10.71 -24.93
N MET A 305 -11.39 -11.49 -24.17
CA MET A 305 -12.23 -12.52 -24.72
C MET A 305 -13.32 -11.96 -25.65
N ASP A 306 -13.89 -10.81 -25.32
CA ASP A 306 -14.86 -10.14 -26.16
C ASP A 306 -14.29 -9.67 -27.48
N LEU A 307 -12.98 -9.38 -27.54
CA LEU A 307 -12.29 -9.08 -28.78
C LEU A 307 -11.89 -10.31 -29.59
N GLY A 308 -12.07 -11.51 -29.06
CA GLY A 308 -11.74 -12.73 -29.78
C GLY A 308 -10.44 -13.39 -29.35
N VAL A 309 -9.77 -12.87 -28.33
CA VAL A 309 -8.58 -13.54 -27.79
C VAL A 309 -9.04 -14.36 -26.60
N LYS A 310 -9.21 -15.65 -26.81
CA LYS A 310 -9.89 -16.54 -25.88
C LYS A 310 -9.28 -17.95 -25.70
N LYS A 311 -8.20 -18.30 -26.41
CA LYS A 311 -7.68 -19.65 -26.37
C LYS A 311 -6.98 -19.98 -25.08
N GLN A 312 -6.28 -19.03 -24.50
CA GLN A 312 -5.36 -19.31 -23.41
C GLN A 312 -5.18 -18.05 -22.56
N ILE A 313 -5.02 -18.24 -21.25
CA ILE A 313 -4.60 -17.14 -20.34
C ILE A 313 -3.29 -17.59 -19.72
N SER A 314 -2.28 -16.74 -19.80
CA SER A 314 -0.94 -17.00 -19.28
C SER A 314 -0.69 -16.07 -18.12
N CYS A 315 -0.40 -16.62 -16.95
CA CYS A 315 -0.33 -15.92 -15.68
C CYS A 315 1.13 -15.83 -15.21
N TYR A 316 1.64 -14.62 -15.14
CA TYR A 316 3.02 -14.36 -14.76
C TYR A 316 3.05 -13.66 -13.37
N SER A 317 3.95 -14.01 -12.46
CA SER A 317 4.77 -15.20 -12.51
C SER A 317 5.02 -15.73 -11.09
N MET A 318 5.15 -17.06 -11.04
CA MET A 318 5.63 -17.74 -9.86
C MET A 318 7.13 -17.65 -9.66
N VAL A 319 7.87 -17.31 -10.71
N VAL A 319 7.87 -17.30 -10.70
CA VAL A 319 9.32 -17.25 -10.63
CA VAL A 319 9.31 -17.26 -10.65
C VAL A 319 9.86 -15.95 -11.21
C VAL A 319 9.85 -15.95 -11.22
N PRO A 320 9.55 -14.82 -10.56
CA PRO A 320 10.05 -13.56 -11.03
C PRO A 320 11.51 -13.48 -10.87
N TRP A 321 11.97 -12.59 -11.70
CA TRP A 321 13.36 -12.34 -11.94
C TRP A 321 14.07 -11.94 -10.63
N ARG A 322 13.33 -11.29 -9.73
CA ARG A 322 13.72 -11.09 -8.32
C ARG A 322 12.67 -11.84 -7.50
N LEU A 323 13.14 -12.65 -6.56
CA LEU A 323 12.28 -13.59 -5.85
C LEU A 323 11.80 -12.95 -4.54
N SER A 324 10.97 -11.92 -4.74
CA SER A 324 10.45 -11.10 -3.66
C SER A 324 8.98 -10.87 -3.92
N PHE A 325 8.09 -11.41 -3.10
CA PHE A 325 6.70 -11.43 -3.39
C PHE A 325 5.92 -10.45 -2.52
N GLN A 326 5.37 -9.42 -3.15
CA GLN A 326 4.59 -8.36 -2.51
C GLN A 326 3.24 -8.89 -2.01
N TYR A 327 2.81 -8.43 -0.85
CA TYR A 327 1.43 -8.66 -0.39
C TYR A 327 1.04 -7.51 0.49
N PHE A 328 -0.25 -7.27 0.61
CA PHE A 328 -0.73 -6.19 1.42
C PHE A 328 -0.92 -6.72 2.84
N ASP A 329 -0.20 -6.14 3.80
CA ASP A 329 -0.23 -6.63 5.20
C ASP A 329 -1.20 -5.76 6.01
N GLN A 330 -2.36 -6.29 6.36
CA GLN A 330 -3.40 -5.52 7.05
C GLN A 330 -2.95 -5.07 8.43
N ALA A 331 -2.28 -5.94 9.15
CA ALA A 331 -1.87 -5.68 10.53
C ALA A 331 -1.09 -4.38 10.65
N SER A 332 -0.18 -4.15 9.70
CA SER A 332 0.61 -2.92 9.64
C SER A 332 0.12 -1.89 8.59
N ASN A 333 -0.99 -2.19 7.91
CA ASN A 333 -1.56 -1.37 6.84
C ASN A 333 -0.54 -0.91 5.80
N SER A 334 0.25 -1.85 5.32
CA SER A 334 1.33 -1.55 4.40
C SER A 334 1.68 -2.75 3.52
N PHE A 335 2.40 -2.48 2.44
CA PHE A 335 2.99 -3.51 1.59
C PHE A 335 4.22 -4.11 2.22
N LYS A 336 4.29 -5.41 2.17
CA LYS A 336 5.44 -6.17 2.59
C LYS A 336 5.85 -7.16 1.50
N PHE A 337 7.02 -7.73 1.69
CA PHE A 337 7.61 -8.64 0.73
C PHE A 337 8.11 -9.89 1.44
N LEU A 338 7.62 -11.05 0.98
CA LEU A 338 8.20 -12.34 1.30
C LEU A 338 9.35 -12.62 0.33
N ASP A 339 10.55 -12.83 0.87
CA ASP A 339 11.70 -13.29 0.10
C ASP A 339 11.80 -14.78 0.31
N ALA A 340 11.47 -15.53 -0.74
CA ALA A 340 11.41 -16.96 -0.71
C ALA A 340 11.64 -17.50 -2.14
N LYS A 341 12.35 -18.62 -2.24
CA LYS A 341 12.87 -19.15 -3.49
C LYS A 341 12.25 -20.51 -3.71
N PRO A 342 12.06 -20.92 -4.98
CA PRO A 342 11.50 -22.26 -5.23
C PRO A 342 12.38 -23.28 -4.58
N GLY A 343 11.80 -24.30 -3.97
CA GLY A 343 12.56 -25.31 -3.21
C GLY A 343 12.51 -25.02 -1.71
N GLU A 344 11.90 -23.89 -1.33
CA GLU A 344 11.65 -23.56 0.06
C GLU A 344 10.20 -23.83 0.47
N VAL A 345 10.05 -24.25 1.73
CA VAL A 345 8.74 -24.53 2.31
C VAL A 345 7.90 -23.24 2.38
N ALA A 346 8.52 -22.12 2.71
CA ALA A 346 7.84 -20.81 2.76
C ALA A 346 7.26 -20.40 1.38
N TYR A 347 8.06 -20.56 0.31
CA TYR A 347 7.57 -20.38 -1.07
C TYR A 347 6.36 -21.28 -1.36
N GLU A 348 6.47 -22.54 -0.99
CA GLU A 348 5.41 -23.51 -1.20
C GLU A 348 4.13 -23.09 -0.47
N GLU A 349 4.23 -22.74 0.82
CA GLU A 349 3.05 -22.31 1.62
C GLU A 349 2.36 -21.03 1.07
N PHE A 350 3.16 -20.03 0.73
CA PHE A 350 2.69 -18.75 0.21
C PHE A 350 1.94 -18.96 -1.13
N TRP A 351 2.55 -19.66 -2.08
CA TRP A 351 1.89 -19.93 -3.38
C TRP A 351 0.75 -20.93 -3.30
N MET A 352 0.87 -21.96 -2.49
CA MET A 352 -0.25 -22.89 -2.33
C MET A 352 -1.52 -22.17 -1.91
N ASN A 353 -1.37 -21.26 -0.97
CA ASN A 353 -2.50 -20.54 -0.42
C ASN A 353 -3.20 -19.69 -1.53
N MET A 354 -2.44 -18.93 -2.30
CA MET A 354 -3.00 -18.19 -3.43
C MET A 354 -3.53 -19.13 -4.54
N LEU A 355 -2.75 -20.13 -4.96
CA LEU A 355 -3.12 -20.98 -6.13
C LEU A 355 -4.38 -21.79 -5.91
N GLN A 356 -4.64 -22.20 -4.67
CA GLN A 356 -5.88 -22.94 -4.34
C GLN A 356 -7.14 -22.05 -4.35
N ASP A 357 -6.98 -20.78 -3.94
CA ASP A 357 -8.04 -19.78 -4.07
C ASP A 357 -8.28 -19.48 -5.56
N PHE A 358 -7.19 -19.31 -6.30
CA PHE A 358 -7.17 -18.95 -7.71
C PHE A 358 -7.87 -20.05 -8.52
N SER A 359 -7.52 -21.30 -8.23
CA SER A 359 -8.14 -22.48 -8.83
C SER A 359 -9.66 -22.49 -8.71
N LYS A 360 -10.18 -22.27 -7.50
CA LYS A 360 -11.62 -22.14 -7.28
C LYS A 360 -12.24 -21.00 -8.06
N HIS A 361 -11.60 -19.83 -8.04
CA HIS A 361 -12.12 -18.68 -8.77
C HIS A 361 -12.24 -19.03 -10.25
N LEU A 362 -11.18 -19.58 -10.82
CA LEU A 362 -11.16 -19.90 -12.26
C LEU A 362 -12.24 -20.90 -12.64
N LYS A 363 -12.43 -21.91 -11.80
CA LYS A 363 -13.49 -22.93 -12.00
C LYS A 363 -14.88 -22.31 -11.94
N ALA A 364 -15.11 -21.43 -10.97
CA ALA A 364 -16.34 -20.62 -10.93
C ALA A 364 -16.61 -19.87 -12.27
N LYS A 365 -15.55 -19.24 -12.81
CA LYS A 365 -15.64 -18.47 -14.07
C LYS A 365 -15.71 -19.32 -15.33
N GLY A 366 -15.26 -20.56 -15.25
CA GLY A 366 -15.13 -21.42 -16.43
C GLY A 366 -13.86 -21.26 -17.25
N TRP A 367 -12.80 -20.70 -16.62
CA TRP A 367 -11.53 -20.39 -17.30
C TRP A 367 -10.41 -21.36 -16.92
N PHE A 368 -10.68 -22.30 -16.03
CA PHE A 368 -9.63 -23.16 -15.50
C PHE A 368 -8.91 -23.97 -16.58
N ASP A 369 -9.64 -24.57 -17.53
CA ASP A 369 -9.02 -25.41 -18.57
C ASP A 369 -8.02 -24.68 -19.45
N ILE A 370 -8.20 -23.37 -19.63
CA ILE A 370 -7.33 -22.56 -20.52
C ILE A 370 -6.25 -21.75 -19.76
N THR A 371 -6.25 -21.79 -18.42
CA THR A 371 -5.34 -20.93 -17.64
C THR A 371 -4.02 -21.65 -17.38
N HIS A 372 -2.92 -21.01 -17.74
CA HIS A 372 -1.58 -21.57 -17.62
C HIS A 372 -0.80 -20.69 -16.63
N ILE A 373 -0.07 -21.31 -15.70
CA ILE A 373 0.94 -20.62 -14.88
C ILE A 373 2.22 -20.58 -15.70
N ALA A 374 2.79 -19.38 -15.88
CA ALA A 374 3.81 -19.14 -16.88
C ALA A 374 5.18 -18.73 -16.35
N MET A 375 6.19 -19.52 -16.71
N MET A 375 6.20 -19.50 -16.74
CA MET A 375 7.57 -19.35 -16.29
CA MET A 375 7.58 -19.29 -16.35
C MET A 375 8.39 -18.66 -17.42
C MET A 375 8.39 -18.64 -17.44
N ASP A 376 9.56 -18.09 -17.04
CA ASP A 376 10.62 -17.56 -18.03
C ASP A 376 11.98 -18.20 -18.36
N GLU A 377 12.52 -19.05 -17.48
CA GLU A 377 13.73 -19.92 -17.78
C GLU A 377 14.72 -19.74 -16.67
N ARG A 378 14.96 -20.82 -15.91
CA ARG A 378 15.79 -20.80 -14.71
C ARG A 378 16.49 -22.12 -14.48
N PRO A 379 17.50 -22.15 -13.58
CA PRO A 379 18.20 -23.42 -13.28
C PRO A 379 17.21 -24.59 -13.08
N MET A 380 17.56 -25.76 -13.60
CA MET A 380 16.60 -26.87 -13.67
C MET A 380 15.91 -27.13 -12.33
N LYS A 381 16.72 -27.21 -11.29
CA LYS A 381 16.25 -27.24 -9.91
C LYS A 381 15.03 -26.38 -9.66
N ASP A 382 15.13 -25.08 -10.02
CA ASP A 382 14.08 -24.09 -9.74
C ASP A 382 12.75 -24.49 -10.37
N MET A 383 12.84 -24.90 -11.63
CA MET A 383 11.66 -25.07 -12.45
C MET A 383 10.85 -26.30 -12.01
N GLN A 384 11.56 -27.36 -11.63
CA GLN A 384 10.95 -28.56 -11.07
C GLN A 384 10.36 -28.37 -9.69
N GLU A 385 11.04 -27.59 -8.85
CA GLU A 385 10.48 -27.25 -7.53
C GLU A 385 9.19 -26.42 -7.68
N THR A 386 9.19 -25.45 -8.61
CA THR A 386 8.00 -24.66 -8.88
C THR A 386 6.85 -25.55 -9.37
N LEU A 387 7.15 -26.49 -10.26
CA LEU A 387 6.19 -27.46 -10.76
C LEU A 387 5.56 -28.32 -9.66
N LYS A 388 6.36 -28.82 -8.73
CA LYS A 388 5.80 -29.51 -7.52
C LYS A 388 4.75 -28.67 -6.82
N VAL A 389 5.06 -27.38 -6.66
CA VAL A 389 4.16 -26.48 -5.90
C VAL A 389 2.80 -26.37 -6.61
N ILE A 390 2.87 -26.12 -7.92
CA ILE A 390 1.67 -25.99 -8.78
C ILE A 390 0.85 -27.27 -8.71
N ARG A 391 1.52 -28.40 -8.70
CA ARG A 391 0.84 -29.67 -8.73
C ARG A 391 0.20 -29.97 -7.38
N LYS A 392 0.88 -29.63 -6.28
CA LYS A 392 0.26 -29.74 -4.94
C LYS A 392 -0.99 -28.88 -4.83
N ALA A 393 -0.94 -27.66 -5.36
CA ALA A 393 -2.11 -26.75 -5.34
C ALA A 393 -3.30 -27.29 -6.15
N ASP A 394 -3.06 -27.66 -7.40
CA ASP A 394 -4.05 -28.36 -8.19
C ASP A 394 -3.33 -29.19 -9.26
N LYS A 395 -3.56 -30.48 -9.22
CA LYS A 395 -2.92 -31.40 -10.15
C LYS A 395 -3.23 -31.08 -11.63
N ASP A 396 -4.38 -30.47 -11.90
CA ASP A 396 -4.78 -30.15 -13.27
C ASP A 396 -4.40 -28.73 -13.76
N PHE A 397 -3.71 -27.93 -12.93
CA PHE A 397 -3.22 -26.65 -13.41
C PHE A 397 -2.36 -26.83 -14.65
N LYS A 398 -2.62 -26.03 -15.68
CA LYS A 398 -1.76 -26.05 -16.84
C LYS A 398 -0.57 -25.13 -16.61
N VAL A 399 0.54 -25.41 -17.29
CA VAL A 399 1.79 -24.71 -17.08
C VAL A 399 2.40 -24.38 -18.40
N SER A 400 3.02 -23.20 -18.51
CA SER A 400 3.73 -22.85 -19.72
C SER A 400 5.10 -22.29 -19.47
N LEU A 401 5.91 -22.32 -20.53
CA LEU A 401 7.30 -21.92 -20.43
C LEU A 401 7.79 -21.45 -21.76
N ALA A 402 8.40 -20.28 -21.75
CA ALA A 402 9.22 -19.81 -22.83
C ALA A 402 10.68 -19.79 -22.45
N GLY A 403 11.46 -20.73 -22.96
CA GLY A 403 12.90 -20.77 -22.65
C GLY A 403 13.65 -21.85 -23.45
N THR A 404 14.41 -22.66 -22.74
CA THR A 404 15.34 -23.58 -23.41
C THR A 404 14.72 -24.96 -23.44
N TYR A 405 15.24 -25.79 -24.35
CA TYR A 405 14.88 -27.19 -24.47
C TYR A 405 15.36 -28.01 -23.23
N HIS A 406 14.44 -28.74 -22.60
CA HIS A 406 14.72 -29.71 -21.55
C HIS A 406 13.79 -30.92 -21.73
N LYS A 407 14.39 -32.10 -21.98
CA LYS A 407 13.61 -33.34 -22.16
C LYS A 407 12.73 -33.63 -20.92
N GLU A 408 13.31 -33.35 -19.76
CA GLU A 408 12.68 -33.48 -18.44
C GLU A 408 11.29 -32.81 -18.34
N LEU A 409 11.07 -31.73 -19.09
CA LEU A 409 9.84 -30.97 -18.96
C LEU A 409 8.78 -31.22 -20.06
N LEU A 410 8.99 -32.14 -20.99
CA LEU A 410 8.08 -32.29 -22.15
C LEU A 410 6.64 -32.77 -21.86
N ASP A 411 6.46 -33.57 -20.81
CA ASP A 411 5.14 -34.08 -20.42
C ASP A 411 4.44 -33.10 -19.39
N ASP A 412 5.20 -32.29 -18.67
CA ASP A 412 4.62 -31.31 -17.72
C ASP A 412 4.17 -29.97 -18.31
N LEU A 413 4.66 -29.60 -19.49
CA LEU A 413 4.42 -28.26 -20.03
C LEU A 413 3.38 -28.34 -21.11
N ASN A 414 2.21 -27.78 -20.84
CA ASN A 414 1.12 -27.77 -21.82
C ASN A 414 1.38 -26.79 -22.97
N ASP A 415 2.14 -25.73 -22.70
CA ASP A 415 2.57 -24.77 -23.73
C ASP A 415 4.06 -24.58 -23.57
N TYR A 416 4.85 -24.99 -24.55
CA TYR A 416 6.31 -24.99 -24.46
C TYR A 416 6.78 -24.25 -25.68
N CYS A 417 7.43 -23.13 -25.42
CA CYS A 417 8.02 -22.29 -26.43
C CYS A 417 9.55 -22.28 -26.28
N ILE A 418 10.23 -22.54 -27.38
CA ILE A 418 11.65 -22.79 -27.42
C ILE A 418 12.34 -21.70 -28.25
N THR A 419 13.57 -21.36 -27.89
CA THR A 419 14.41 -20.49 -28.72
C THR A 419 14.48 -21.00 -30.16
N ILE A 420 14.51 -20.10 -31.14
CA ILE A 420 14.60 -20.48 -32.59
C ILE A 420 15.81 -21.38 -32.91
N ALA A 421 16.91 -21.16 -32.18
CA ALA A 421 18.13 -21.96 -32.29
C ALA A 421 18.01 -23.47 -31.93
N GLU A 422 17.03 -23.84 -31.13
CA GLU A 422 16.90 -25.21 -30.62
C GLU A 422 15.70 -25.85 -31.28
N LYS A 423 15.63 -27.17 -31.22
CA LYS A 423 14.63 -27.92 -31.99
C LYS A 423 14.04 -29.01 -31.15
N PHE A 424 12.75 -29.21 -31.35
CA PHE A 424 12.11 -30.43 -30.93
C PHE A 424 12.31 -31.44 -32.07
N THR A 425 12.35 -32.72 -31.72
CA THR A 425 12.39 -33.78 -32.71
C THR A 425 10.99 -33.86 -33.34
N PRO A 426 10.90 -34.43 -34.54
CA PRO A 426 9.54 -34.64 -35.09
C PRO A 426 8.62 -35.53 -34.22
N GLU A 427 9.19 -36.53 -33.53
CA GLU A 427 8.43 -37.46 -32.66
C GLU A 427 7.90 -36.69 -31.43
N GLU A 428 8.74 -35.84 -30.84
CA GLU A 428 8.35 -34.98 -29.73
C GLU A 428 7.19 -34.09 -30.14
N ILE A 429 7.30 -33.45 -31.30
CA ILE A 429 6.22 -32.59 -31.81
C ILE A 429 4.90 -33.39 -31.96
N GLU A 430 4.95 -34.60 -32.54
CA GLU A 430 3.70 -35.37 -32.76
C GLU A 430 3.12 -35.85 -31.43
N ALA A 431 3.98 -36.30 -30.52
CA ALA A 431 3.55 -36.69 -29.16
C ALA A 431 2.87 -35.55 -28.44
N ARG A 432 3.44 -34.36 -28.58
CA ARG A 432 2.85 -33.17 -27.99
C ARG A 432 1.53 -32.79 -28.71
N ARG A 433 1.50 -32.86 -30.05
CA ARG A 433 0.26 -32.60 -30.76
C ARG A 433 -0.82 -33.63 -30.39
N LYS A 434 -0.44 -34.90 -30.21
CA LYS A 434 -1.38 -35.95 -29.82
C LYS A 434 -2.00 -35.73 -28.45
N ALA A 435 -1.21 -35.18 -27.54
CA ALA A 435 -1.65 -34.95 -26.19
C ALA A 435 -2.47 -33.63 -26.04
N GLY A 436 -2.63 -32.85 -27.12
CA GLY A 436 -3.41 -31.62 -27.10
C GLY A 436 -2.60 -30.42 -26.66
N LYS A 437 -1.28 -30.55 -26.69
CA LYS A 437 -0.38 -29.48 -26.20
C LYS A 437 0.04 -28.53 -27.33
N VAL A 438 0.54 -27.37 -26.95
CA VAL A 438 0.96 -26.31 -27.86
C VAL A 438 2.50 -26.27 -27.84
N THR A 439 3.08 -26.14 -29.04
CA THR A 439 4.53 -26.15 -29.24
C THR A 439 4.91 -25.04 -30.21
N THR A 440 5.72 -24.09 -29.76
CA THR A 440 6.06 -22.89 -30.55
C THR A 440 7.53 -22.54 -30.39
N TYR A 441 7.93 -21.47 -31.04
CA TYR A 441 9.27 -20.92 -30.89
C TYR A 441 9.21 -19.40 -30.67
N TYR A 442 10.30 -18.81 -30.18
CA TYR A 442 10.41 -17.35 -30.04
C TYR A 442 11.75 -16.84 -30.46
N THR A 443 11.77 -15.54 -30.71
CA THR A 443 12.99 -14.76 -30.80
C THR A 443 12.88 -13.62 -29.81
N CYS A 444 14.04 -13.06 -29.47
CA CYS A 444 14.08 -11.89 -28.61
C CYS A 444 15.34 -11.10 -28.98
N CYS A 445 15.95 -10.40 -28.02
CA CYS A 445 17.20 -9.64 -28.29
C CYS A 445 18.45 -10.50 -28.69
N THR A 446 18.41 -11.81 -28.47
CA THR A 446 19.59 -12.65 -28.81
C THR A 446 19.90 -12.70 -30.32
N GLU A 447 18.87 -12.92 -31.14
CA GLU A 447 19.06 -13.20 -32.57
C GLU A 447 19.21 -11.92 -33.34
N PRO A 448 20.35 -11.76 -34.06
CA PRO A 448 20.41 -10.64 -35.01
C PRO A 448 19.28 -10.70 -36.06
N ARG A 449 19.07 -11.86 -36.71
CA ARG A 449 17.91 -12.08 -37.60
C ARG A 449 17.47 -13.55 -37.52
N PRO A 450 16.26 -13.88 -37.92
CA PRO A 450 15.19 -12.95 -38.18
C PRO A 450 14.69 -12.26 -36.87
N ASN A 451 14.25 -11.02 -36.99
CA ASN A 451 13.64 -10.31 -35.86
C ASN A 451 12.71 -9.16 -36.28
N THR A 452 12.14 -8.49 -35.28
CA THR A 452 11.19 -7.40 -35.42
C THR A 452 11.74 -6.16 -34.68
N PHE A 453 13.03 -5.91 -34.79
CA PHE A 453 13.57 -4.62 -34.43
C PHE A 453 13.10 -3.60 -35.46
N THR A 454 13.10 -2.33 -35.10
CA THR A 454 12.64 -1.29 -35.98
C THR A 454 13.55 -1.12 -37.22
N PHE A 455 14.80 -1.51 -37.13
CA PHE A 455 15.74 -1.54 -38.26
C PHE A 455 15.83 -2.90 -38.96
N SER A 456 15.10 -3.91 -38.52
CA SER A 456 15.05 -5.19 -39.22
C SER A 456 14.38 -5.03 -40.60
N GLU A 457 14.80 -5.81 -41.58
CA GLU A 457 14.15 -5.83 -42.88
C GLU A 457 12.69 -6.29 -42.72
N PRO A 458 11.76 -5.59 -43.36
CA PRO A 458 10.32 -5.97 -43.23
C PRO A 458 9.99 -7.45 -43.47
N ALA A 459 10.64 -8.06 -44.45
CA ALA A 459 10.34 -9.46 -44.77
C ALA A 459 10.71 -10.44 -43.64
N GLU A 460 11.64 -10.05 -42.74
CA GLU A 460 12.00 -10.90 -41.63
C GLU A 460 10.79 -11.19 -40.74
N ALA A 461 9.91 -10.23 -40.58
CA ALA A 461 8.70 -10.43 -39.82
C ALA A 461 7.77 -11.50 -40.44
N GLU A 462 7.65 -11.46 -41.76
CA GLU A 462 6.84 -12.47 -42.47
C GLU A 462 7.51 -13.85 -42.39
N TRP A 463 8.83 -13.86 -42.59
CA TRP A 463 9.65 -15.05 -42.44
C TRP A 463 9.34 -15.90 -41.20
N LEU A 464 9.12 -15.23 -40.09
CA LEU A 464 8.86 -15.93 -38.82
C LEU A 464 7.67 -16.88 -38.93
N ALA A 465 6.60 -16.47 -39.58
CA ALA A 465 5.44 -17.34 -39.80
C ALA A 465 5.73 -18.52 -40.73
N TRP A 466 6.49 -18.28 -41.80
CA TRP A 466 6.91 -19.38 -42.67
C TRP A 466 7.78 -20.41 -41.96
N HIS A 467 8.67 -19.94 -41.07
CA HIS A 467 9.51 -20.83 -40.27
C HIS A 467 8.70 -21.80 -39.39
N SER A 468 7.62 -21.31 -38.80
CA SER A 468 6.72 -22.18 -38.04
C SER A 468 6.11 -23.28 -38.92
N ALA A 469 5.72 -22.94 -40.13
CA ALA A 469 5.18 -23.94 -41.05
C ALA A 469 6.24 -25.00 -41.40
N LYS A 470 7.46 -24.55 -41.65
CA LYS A 470 8.58 -25.45 -41.93
C LYS A 470 8.82 -26.46 -40.82
N GLU A 471 8.76 -26.00 -39.56
CA GLU A 471 9.12 -26.79 -38.39
C GLU A 471 7.98 -27.64 -37.82
N ASN A 472 6.81 -27.61 -38.48
CA ASN A 472 5.52 -28.11 -37.94
C ASN A 472 5.24 -27.66 -36.51
N LEU A 473 5.54 -26.38 -36.27
CA LEU A 473 5.26 -25.78 -34.99
C LEU A 473 3.88 -25.14 -35.05
N ASP A 474 3.28 -24.89 -33.88
CA ASP A 474 1.92 -24.37 -33.85
C ASP A 474 1.89 -22.90 -34.06
N GLY A 475 3.03 -22.21 -33.97
CA GLY A 475 3.02 -20.75 -34.14
C GLY A 475 4.29 -20.10 -33.65
N TYR A 476 4.15 -18.89 -33.09
CA TYR A 476 5.26 -18.00 -32.75
C TYR A 476 4.91 -17.11 -31.52
N LEU A 477 5.92 -16.81 -30.72
CA LEU A 477 5.75 -16.05 -29.47
C LEU A 477 6.75 -14.94 -29.45
N ARG A 478 6.32 -13.76 -29.06
CA ARG A 478 7.25 -12.68 -28.72
C ARG A 478 6.80 -11.96 -27.46
N TRP A 479 7.76 -11.47 -26.71
CA TRP A 479 7.56 -11.01 -25.36
C TRP A 479 6.91 -9.63 -25.19
N ALA A 480 6.73 -8.86 -26.27
CA ALA A 480 6.27 -7.50 -26.14
C ALA A 480 5.47 -6.91 -27.33
N LEU A 481 4.16 -6.94 -27.19
CA LEU A 481 3.23 -6.31 -28.18
C LEU A 481 3.28 -4.79 -28.10
N ASN A 482 3.25 -4.24 -26.88
CA ASN A 482 3.03 -2.82 -26.69
C ASN A 482 3.63 -2.25 -25.40
N SER A 483 4.82 -2.72 -25.05
CA SER A 483 5.51 -2.29 -23.80
C SER A 483 6.29 -1.02 -24.13
N TRP A 484 5.52 0.04 -24.39
CA TRP A 484 6.01 1.29 -24.96
C TRP A 484 7.07 1.92 -24.07
N VAL A 485 8.07 2.48 -24.74
CA VAL A 485 9.03 3.36 -24.10
C VAL A 485 8.32 4.69 -23.80
N LYS A 486 9.08 5.70 -23.40
CA LYS A 486 8.50 7.01 -23.09
C LYS A 486 7.68 7.66 -24.21
N ASN A 487 8.27 7.77 -25.41
CA ASN A 487 7.68 8.47 -26.55
C ASN A 487 7.72 7.52 -27.76
N PRO A 488 6.86 6.51 -27.73
CA PRO A 488 6.99 5.42 -28.71
C PRO A 488 6.77 5.80 -30.19
N LEU A 489 5.95 6.83 -30.45
CA LEU A 489 5.76 7.38 -31.80
C LEU A 489 6.96 8.09 -32.36
N GLN A 490 7.83 8.62 -31.49
CA GLN A 490 9.03 9.35 -31.94
C GLN A 490 10.37 8.56 -31.89
N ASP A 491 10.56 7.74 -30.87
CA ASP A 491 11.84 7.13 -30.58
C ASP A 491 11.63 5.72 -30.02
N SER A 492 12.11 4.70 -30.74
CA SER A 492 11.90 3.29 -30.39
C SER A 492 13.03 2.66 -29.56
N ARG A 493 14.04 3.47 -29.22
CA ARG A 493 15.14 3.04 -28.40
C ARG A 493 14.74 2.89 -26.99
N PHE A 494 15.53 2.11 -26.27
CA PHE A 494 15.34 1.92 -24.82
C PHE A 494 16.70 1.72 -24.12
N THR A 495 16.72 1.92 -22.80
CA THR A 495 17.91 1.72 -21.94
C THR A 495 18.43 0.27 -21.96
N ALA A 496 17.64 -0.69 -22.45
CA ALA A 496 18.12 -2.05 -22.77
C ALA A 496 17.67 -2.51 -24.16
N TRP A 497 18.48 -3.34 -24.79
CA TRP A 497 18.17 -4.04 -26.04
C TRP A 497 18.13 -3.14 -27.30
N ALA A 498 18.00 -3.80 -28.46
CA ALA A 498 17.92 -3.12 -29.77
C ALA A 498 16.55 -2.46 -29.91
N ALA A 499 16.52 -1.32 -30.61
CA ALA A 499 15.32 -0.50 -30.76
C ALA A 499 14.16 -1.27 -31.40
N GLY A 500 13.00 -1.18 -30.79
CA GLY A 500 11.83 -1.89 -31.29
C GLY A 500 11.52 -3.21 -30.64
N ASP A 501 12.45 -3.68 -29.81
CA ASP A 501 12.29 -4.94 -29.10
C ASP A 501 11.09 -4.91 -28.19
N THR A 502 10.72 -3.73 -27.69
CA THR A 502 9.67 -3.69 -26.64
C THR A 502 8.25 -3.48 -27.14
N TYR A 503 8.06 -3.28 -28.45
CA TYR A 503 6.71 -3.14 -29.00
C TYR A 503 6.64 -3.23 -30.52
N MET A 504 5.47 -3.62 -30.96
CA MET A 504 5.15 -3.83 -32.37
C MET A 504 3.96 -3.04 -32.89
N ILE A 505 3.19 -2.44 -31.99
CA ILE A 505 2.11 -1.54 -32.32
C ILE A 505 2.31 -0.21 -31.58
N TYR A 506 1.62 0.81 -32.09
CA TYR A 506 1.83 2.18 -31.66
C TYR A 506 0.57 2.84 -31.12
N PRO A 507 0.75 3.89 -30.30
CA PRO A 507 -0.38 4.72 -29.89
C PRO A 507 -1.27 5.14 -31.08
N GLY A 508 -2.59 5.06 -30.83
CA GLY A 508 -3.63 5.33 -31.77
C GLY A 508 -4.16 4.07 -32.39
N ALA A 509 -3.81 2.91 -31.84
CA ALA A 509 -4.07 1.67 -32.54
C ALA A 509 -3.45 1.67 -33.95
N ARG A 510 -2.22 2.16 -34.05
CA ARG A 510 -1.49 2.13 -35.30
C ARG A 510 -0.60 0.90 -35.36
N SER A 511 -0.69 0.19 -36.49
CA SER A 511 0.12 -0.94 -36.74
C SER A 511 1.53 -0.51 -37.21
N SER A 512 2.45 -1.46 -37.24
CA SER A 512 3.77 -1.30 -37.82
C SER A 512 3.88 -2.11 -39.10
N ILE A 513 4.90 -1.78 -39.89
CA ILE A 513 5.30 -2.60 -41.00
C ILE A 513 5.55 -4.01 -40.49
N ARG A 514 6.27 -4.11 -39.38
CA ARG A 514 6.58 -5.42 -38.80
C ARG A 514 5.31 -6.28 -38.54
N LEU A 515 4.27 -5.73 -37.91
CA LEU A 515 3.08 -6.54 -37.63
C LEU A 515 2.28 -6.89 -38.90
N GLU A 516 2.29 -5.97 -39.86
CA GLU A 516 1.60 -6.21 -41.12
C GLU A 516 2.25 -7.33 -41.92
N ARG A 517 3.57 -7.35 -41.93
CA ARG A 517 4.30 -8.43 -42.59
C ARG A 517 4.14 -9.78 -41.86
N LEU A 518 4.16 -9.76 -40.53
CA LEU A 518 3.89 -10.97 -39.76
C LEU A 518 2.52 -11.56 -40.04
N THR A 519 1.53 -10.70 -40.13
CA THR A 519 0.18 -11.08 -40.46
C THR A 519 0.07 -11.69 -41.87
N GLU A 520 0.77 -11.14 -42.85
CA GLU A 520 0.83 -11.79 -44.16
C GLU A 520 1.44 -13.18 -44.07
N GLY A 521 2.54 -13.30 -43.35
CA GLY A 521 3.12 -14.60 -43.07
C GLY A 521 2.10 -15.57 -42.46
N ILE A 522 1.36 -15.13 -41.44
CA ILE A 522 0.42 -16.00 -40.76
C ILE A 522 -0.73 -16.46 -41.67
N GLN A 523 -1.18 -15.56 -42.55
CA GLN A 523 -2.14 -15.89 -43.58
C GLN A 523 -1.65 -17.00 -44.53
N PHE A 524 -0.37 -16.91 -44.93
CA PHE A 524 0.27 -17.97 -45.72
C PHE A 524 0.42 -19.29 -44.97
N PHE A 525 0.73 -19.25 -43.66
CA PHE A 525 0.75 -20.45 -42.81
C PHE A 525 -0.62 -21.12 -42.85
N GLU A 526 -1.70 -20.34 -42.80
CA GLU A 526 -3.05 -20.92 -42.93
C GLU A 526 -3.32 -21.51 -44.36
N LYS A 527 -2.86 -20.80 -45.40
CA LYS A 527 -2.97 -21.31 -46.76
C LYS A 527 -2.29 -22.66 -46.92
N VAL A 528 -1.06 -22.76 -46.41
CA VAL A 528 -0.32 -24.01 -46.52
C VAL A 528 -1.09 -25.17 -45.88
N ARG A 529 -1.68 -24.89 -44.73
CA ARG A 529 -2.43 -25.88 -43.97
C ARG A 529 -3.68 -26.30 -44.80
N ILE A 530 -4.39 -25.36 -45.38
CA ILE A 530 -5.58 -25.63 -46.16
C ILE A 530 -5.20 -26.42 -47.41
N LEU A 531 -4.09 -26.03 -48.05
CA LEU A 531 -3.64 -26.71 -49.29
C LEU A 531 -3.18 -28.15 -49.02
N LYS A 532 -2.53 -28.39 -47.89
CA LYS A 532 -2.09 -29.76 -47.57
C LYS A 532 -3.28 -30.66 -47.23
N GLU A 533 -4.29 -30.11 -46.56
CA GLU A 533 -5.54 -30.83 -46.32
C GLU A 533 -6.22 -31.27 -47.62
N GLU A 534 -6.22 -30.39 -48.62
CA GLU A 534 -6.79 -30.69 -49.92
C GLU A 534 -5.93 -31.70 -50.73
N PHE A 535 -4.61 -31.55 -50.69
CA PHE A 535 -3.70 -32.44 -51.42
C PHE A 535 -3.53 -33.85 -50.86
N GLU A 536 -3.60 -33.98 -49.53
CA GLU A 536 -3.59 -35.31 -48.88
C GLU A 536 -4.86 -36.08 -49.24
N GLU A 537 -6.01 -35.43 -49.10
CA GLU A 537 -7.31 -35.98 -49.48
C GLU A 537 -7.38 -36.42 -50.95
N LYS A 538 -6.71 -35.70 -51.85
CA LYS A 538 -6.71 -36.05 -53.29
C LYS A 538 -5.55 -36.93 -53.75
N GLY A 539 -4.66 -37.31 -52.82
CA GLY A 539 -3.49 -38.12 -53.13
C GLY A 539 -2.44 -37.43 -54.00
N ASN A 540 -2.51 -36.09 -54.09
CA ASN A 540 -1.57 -35.33 -54.89
C ASN A 540 -0.28 -35.18 -54.09
N LYS A 541 0.52 -36.24 -54.09
CA LYS A 541 1.75 -36.29 -53.32
C LYS A 541 2.83 -35.32 -53.83
N GLY A 542 2.75 -34.98 -55.13
CA GLY A 542 3.72 -34.14 -55.78
C GLY A 542 3.68 -32.71 -55.35
N ALA A 543 2.47 -32.14 -55.39
CA ALA A 543 2.22 -30.83 -54.81
C ALA A 543 2.70 -30.71 -53.33
N ILE A 544 2.55 -31.78 -52.54
CA ILE A 544 2.97 -31.79 -51.12
C ILE A 544 4.51 -31.75 -51.00
N LYS A 545 5.20 -32.54 -51.83
CA LYS A 545 6.67 -32.56 -51.79
C LYS A 545 7.27 -31.22 -52.27
N ASN A 546 6.53 -30.50 -53.12
CA ASN A 546 6.91 -29.19 -53.63
C ASN A 546 6.73 -28.09 -52.59
N ILE A 547 5.60 -28.11 -51.86
CA ILE A 547 5.38 -27.17 -50.78
C ILE A 547 6.50 -27.34 -49.73
N ASP A 548 6.86 -28.58 -49.43
CA ASP A 548 7.93 -28.86 -48.45
C ASP A 548 9.34 -28.48 -48.92
N LYS A 549 9.58 -28.53 -50.23
CA LYS A 549 10.87 -28.10 -50.82
C LYS A 549 11.01 -26.58 -50.72
N THR A 550 9.89 -25.88 -50.87
CA THR A 550 9.82 -24.45 -50.74
C THR A 550 9.99 -24.02 -49.26
N LEU A 551 9.33 -24.75 -48.35
CA LEU A 551 9.48 -24.51 -46.90
C LEU A 551 10.90 -24.70 -46.39
N LYS A 552 11.71 -25.50 -47.07
CA LYS A 552 13.15 -25.68 -46.72
C LYS A 552 13.95 -24.40 -46.70
N MET A 553 13.53 -23.38 -47.45
CA MET A 553 14.20 -22.10 -47.48
C MET A 553 14.21 -21.38 -46.12
N PHE A 554 13.27 -21.71 -45.24
CA PHE A 554 13.13 -21.00 -43.98
C PHE A 554 13.93 -21.60 -42.81
N ASP A 555 15.18 -21.92 -43.07
CA ASP A 555 16.11 -22.41 -42.08
C ASP A 555 16.93 -21.21 -41.60
N GLU A 556 17.15 -21.11 -40.29
CA GLU A 556 17.87 -19.94 -39.71
C GLU A 556 19.38 -19.95 -39.90
N SER A 557 19.92 -21.04 -40.44
CA SER A 557 21.33 -21.14 -40.83
C SER A 557 21.57 -20.82 -42.31
N SER A 558 20.49 -20.75 -43.10
CA SER A 558 20.51 -20.56 -44.56
C SER A 558 20.22 -19.13 -45.04
N MET A 559 20.24 -18.16 -44.13
CA MET A 559 19.94 -16.77 -44.50
C MET A 559 21.05 -16.01 -45.26
N ASP A 560 22.28 -16.55 -45.27
CA ASP A 560 23.35 -16.03 -46.15
C ASP A 560 23.33 -16.66 -47.53
N LYS A 561 22.62 -17.77 -47.67
CA LYS A 561 22.48 -18.44 -48.97
C LYS A 561 21.28 -17.85 -49.70
N ILE A 562 20.17 -17.69 -48.96
CA ILE A 562 18.94 -17.11 -49.48
C ILE A 562 18.45 -16.06 -48.49
N SER A 563 18.44 -14.79 -48.89
CA SER A 563 18.02 -13.71 -48.00
C SER A 563 16.56 -13.92 -47.59
N PRO A 564 16.18 -13.44 -46.39
CA PRO A 564 14.78 -13.54 -45.99
C PRO A 564 13.78 -12.95 -46.98
N THR A 565 14.13 -11.85 -47.61
CA THR A 565 13.29 -11.22 -48.64
C THR A 565 13.09 -12.12 -49.84
N THR A 566 14.18 -12.66 -50.38
CA THR A 566 14.12 -13.60 -51.49
C THR A 566 13.31 -14.86 -51.19
N ALA A 567 13.52 -15.45 -50.02
CA ALA A 567 12.81 -16.66 -49.65
C ALA A 567 11.33 -16.39 -49.54
N VAL A 568 10.97 -15.30 -48.86
CA VAL A 568 9.57 -14.95 -48.67
C VAL A 568 8.87 -14.69 -50.01
N ASN A 569 9.52 -13.90 -50.86
CA ASN A 569 8.94 -13.65 -52.20
C ASN A 569 8.81 -14.88 -53.08
N LYS A 570 9.79 -15.80 -53.08
CA LYS A 570 9.67 -17.04 -53.87
C LYS A 570 8.53 -17.88 -53.30
N ALA A 571 8.49 -18.03 -51.98
CA ALA A 571 7.50 -18.92 -51.36
C ALA A 571 6.05 -18.46 -51.57
N LYS A 572 5.81 -17.15 -51.46
CA LYS A 572 4.49 -16.56 -51.74
C LYS A 572 3.96 -16.94 -53.13
N LYS A 573 4.83 -16.83 -54.11
CA LYS A 573 4.45 -17.16 -55.49
C LYS A 573 4.07 -18.64 -55.65
N VAL A 574 4.83 -19.53 -55.02
CA VAL A 574 4.57 -20.98 -55.12
C VAL A 574 3.18 -21.35 -54.58
N ILE A 575 2.85 -20.81 -53.42
CA ILE A 575 1.59 -21.12 -52.76
C ILE A 575 0.39 -20.57 -53.54
N ASN A 576 0.56 -19.36 -54.08
CA ASN A 576 -0.45 -18.70 -54.89
C ASN A 576 -0.75 -19.36 -56.23
N ARG A 577 0.15 -20.17 -56.77
CA ARG A 577 -0.15 -20.91 -58.00
C ARG A 577 -1.21 -22.01 -57.83
N TYR A 578 -1.37 -22.54 -56.62
CA TYR A 578 -2.27 -23.69 -56.42
C TYR A 578 -3.74 -23.28 -56.35
N GLN B 16 10.53 -11.26 32.54
CA GLN B 16 10.74 -9.97 33.30
C GLN B 16 12.22 -9.59 33.54
N THR B 17 13.13 -10.55 33.44
CA THR B 17 14.57 -10.26 33.38
C THR B 17 15.01 -9.33 32.19
N SER B 18 14.35 -9.50 31.04
CA SER B 18 14.55 -8.64 29.86
C SER B 18 14.01 -7.22 30.09
N GLU B 19 13.11 -7.05 31.06
CA GLU B 19 12.63 -5.73 31.44
C GLU B 19 13.56 -4.97 32.38
N TYR B 20 14.69 -5.56 32.84
CA TYR B 20 15.67 -4.81 33.66
C TYR B 20 16.37 -3.79 32.77
N TYR B 21 16.86 -2.70 33.37
CA TYR B 21 17.44 -1.64 32.59
C TYR B 21 18.35 -0.79 33.44
N GLN B 22 19.11 0.04 32.76
CA GLN B 22 19.95 1.03 33.41
C GLN B 22 19.48 2.46 33.12
N GLU B 23 19.56 3.32 34.15
CA GLU B 23 19.21 4.73 34.00
C GLU B 23 20.27 5.45 33.17
N ALA B 24 19.93 6.59 32.60
CA ALA B 24 20.92 7.49 31.98
C ALA B 24 21.84 8.08 33.07
N ALA B 25 23.00 8.57 32.66
CA ALA B 25 23.89 9.32 33.57
C ALA B 25 23.17 10.56 34.11
N ASN B 26 23.45 10.91 35.36
CA ASN B 26 22.97 12.15 35.92
C ASN B 26 23.79 13.35 35.36
N PRO B 27 23.13 14.30 34.65
CA PRO B 27 23.89 15.46 34.14
C PRO B 27 24.33 16.45 35.22
N ILE B 28 23.80 16.30 36.43
CA ILE B 28 24.30 17.01 37.63
C ILE B 28 25.24 16.08 38.41
N ALA B 29 26.52 16.47 38.50
CA ALA B 29 27.51 15.78 39.39
C ALA B 29 27.16 15.93 40.87
N THR B 30 27.72 15.05 41.68
CA THR B 30 27.42 14.98 43.10
C THR B 30 28.41 15.82 43.96
N ASN B 31 27.89 16.76 44.76
CA ASN B 31 28.72 17.57 45.64
C ASN B 31 29.02 16.80 46.93
N PRO B 32 30.28 16.35 47.12
CA PRO B 32 30.55 15.49 48.27
C PRO B 32 30.46 16.26 49.59
N ALA B 33 30.62 17.58 49.56
CA ALA B 33 30.45 18.41 50.77
C ALA B 33 29.02 18.40 51.30
N LEU B 34 28.06 18.28 50.40
CA LEU B 34 26.66 18.18 50.79
C LEU B 34 26.34 16.86 51.55
N TRP B 35 27.16 15.83 51.32
CA TRP B 35 27.06 14.53 52.02
C TRP B 35 27.95 14.41 53.26
N ALA B 36 28.86 15.37 53.49
CA ALA B 36 29.79 15.29 54.66
C ALA B 36 29.07 15.07 56.00
N LYS B 37 27.88 15.65 56.15
CA LYS B 37 27.01 15.48 57.33
C LYS B 37 26.33 14.08 57.48
N VAL B 38 26.21 13.34 56.38
CA VAL B 38 25.58 12.02 56.39
C VAL B 38 26.65 10.95 56.75
N THR B 39 26.56 10.39 57.95
CA THR B 39 27.59 9.46 58.49
C THR B 39 27.24 7.96 58.35
N ALA B 40 25.96 7.65 58.25
CA ALA B 40 25.51 6.30 58.03
C ALA B 40 24.29 6.36 57.09
N PRO B 41 23.97 5.23 56.42
CA PRO B 41 22.73 5.11 55.65
C PRO B 41 21.53 5.51 56.49
N GLN B 42 20.62 6.23 55.85
CA GLN B 42 19.42 6.75 56.49
C GLN B 42 18.21 6.17 55.79
N ILE B 43 17.18 5.84 56.55
CA ILE B 43 15.98 5.28 56.04
C ILE B 43 14.82 5.94 56.76
N SER B 44 13.85 6.43 56.00
CA SER B 44 12.73 7.14 56.60
C SER B 44 11.53 7.04 55.71
N TRP B 45 10.36 7.17 56.31
CA TRP B 45 9.19 7.52 55.57
C TRP B 45 9.41 8.90 55.00
N GLY B 46 8.97 9.07 53.74
CA GLY B 46 8.96 10.38 53.09
C GLY B 46 7.54 10.70 52.73
N SER B 47 7.37 11.47 51.66
CA SER B 47 6.08 11.95 51.25
C SER B 47 5.81 11.52 49.80
N THR B 48 4.55 11.22 49.48
CA THR B 48 4.15 10.97 48.09
C THR B 48 4.03 12.27 47.28
N ASP B 49 4.27 13.41 47.94
CA ASP B 49 4.33 14.72 47.27
C ASP B 49 5.69 15.13 46.74
N ILE B 50 6.71 14.31 46.96
CA ILE B 50 8.06 14.72 46.67
C ILE B 50 8.74 13.71 45.76
N ARG B 51 9.41 14.23 44.73
CA ARG B 51 10.34 13.46 43.89
C ARG B 51 11.73 13.73 44.48
N TYR B 52 12.34 12.73 45.11
CA TYR B 52 13.61 12.96 45.79
C TYR B 52 14.74 12.97 44.80
N LYS B 53 15.61 13.96 44.91
CA LYS B 53 16.72 14.06 43.97
C LYS B 53 17.73 12.96 44.26
N LYS B 54 18.30 12.39 43.20
CA LYS B 54 19.23 11.25 43.33
C LYS B 54 20.52 11.68 43.99
N GLU B 55 21.03 12.85 43.60
CA GLU B 55 22.40 13.31 43.98
C GLU B 55 22.52 14.17 45.25
N GLU B 56 21.44 14.37 46.00
CA GLU B 56 21.44 15.16 47.21
C GLU B 56 20.82 14.33 48.31
N PRO B 57 21.23 14.53 49.57
CA PRO B 57 20.58 13.84 50.69
C PRO B 57 19.09 14.17 50.77
N ALA B 58 18.28 13.23 51.23
CA ALA B 58 16.89 13.53 51.46
C ALA B 58 16.75 14.74 52.38
N PRO B 59 15.84 15.71 52.06
CA PRO B 59 15.65 16.87 52.94
C PRO B 59 14.83 16.50 54.19
N ILE B 60 15.31 15.53 54.98
CA ILE B 60 14.55 14.99 56.10
C ILE B 60 15.51 15.21 57.24
N HIS B 61 15.12 16.05 58.18
CA HIS B 61 16.03 16.62 59.15
C HIS B 61 16.19 15.59 60.30
N SER B 62 15.15 14.77 60.53
CA SER B 62 15.26 13.60 61.42
C SER B 62 14.24 12.53 61.01
N ALA B 63 14.60 11.25 61.13
CA ALA B 63 13.85 10.17 60.47
C ALA B 63 12.48 9.92 61.07
N GLN B 64 11.53 9.60 60.21
CA GLN B 64 10.17 9.27 60.62
C GLN B 64 10.04 7.74 60.46
N LYS B 65 9.82 7.04 61.58
CA LYS B 65 9.78 5.58 61.59
C LYS B 65 8.39 5.02 61.40
N SER B 66 7.35 5.81 61.73
CA SER B 66 5.95 5.42 61.60
C SER B 66 5.18 6.23 60.58
N MET B 67 4.35 5.54 59.80
CA MET B 67 3.47 6.13 58.79
C MET B 67 2.05 5.71 59.17
N ASN B 68 1.15 6.69 59.30
CA ASN B 68 -0.27 6.42 59.58
C ASN B 68 -1.13 6.80 58.36
N LEU B 69 -1.86 5.83 57.84
CA LEU B 69 -2.74 6.04 56.71
C LEU B 69 -4.19 5.72 57.07
N THR B 70 -5.10 6.37 56.35
CA THR B 70 -6.52 6.11 56.47
C THR B 70 -7.07 5.85 55.09
N ALA B 71 -8.01 4.91 54.99
CA ALA B 71 -8.61 4.58 53.72
C ALA B 71 -9.89 3.84 53.88
N TRP B 72 -10.69 3.88 52.82
CA TRP B 72 -11.88 3.04 52.75
C TRP B 72 -11.47 1.62 52.34
N LYS B 73 -12.39 0.68 52.56
CA LYS B 73 -12.30 -0.64 51.93
C LYS B 73 -12.38 -0.46 50.41
N GLY B 74 -11.62 -1.25 49.67
CA GLY B 74 -11.57 -1.13 48.21
C GLY B 74 -10.64 -0.05 47.69
N GLU B 75 -10.09 0.79 48.56
CA GLU B 75 -9.24 1.85 48.13
C GLU B 75 -7.79 1.41 47.97
N LYS B 76 -7.13 1.95 46.95
CA LYS B 76 -5.68 1.89 46.79
C LYS B 76 -5.04 3.13 47.40
N ILE B 77 -4.07 2.93 48.30
CA ILE B 77 -3.44 4.02 49.01
C ILE B 77 -1.96 3.78 48.99
N SER B 78 -1.17 4.84 48.86
CA SER B 78 0.27 4.68 48.69
C SER B 78 1.08 5.45 49.75
N ALA B 79 2.31 5.04 49.99
CA ALA B 79 3.26 5.79 50.81
C ALA B 79 4.65 5.70 50.15
N GLN B 80 5.52 6.66 50.42
CA GLN B 80 6.88 6.63 49.85
C GLN B 80 7.87 6.64 50.99
N LEU B 81 8.82 5.72 50.93
CA LEU B 81 9.95 5.73 51.83
C LEU B 81 11.15 6.20 51.04
N VAL B 82 12.19 6.59 51.75
CA VAL B 82 13.44 7.04 51.18
C VAL B 82 14.63 6.47 51.94
N VAL B 83 15.62 6.04 51.16
CA VAL B 83 16.92 5.60 51.65
C VAL B 83 17.97 6.54 51.07
N TRP B 84 18.89 7.03 51.88
CA TRP B 84 20.00 7.79 51.33
C TRP B 84 21.28 7.39 52.00
N THR B 85 22.36 7.34 51.26
CA THR B 85 23.54 6.66 51.76
C THR B 85 24.83 7.37 51.38
N PRO B 86 25.80 7.49 52.32
CA PRO B 86 27.14 7.97 52.01
C PRO B 86 28.08 6.84 51.56
N LYS B 87 27.60 5.59 51.51
CA LYS B 87 28.41 4.45 51.04
C LYS B 87 27.62 3.55 50.10
N VAL B 88 28.34 2.67 49.42
CA VAL B 88 27.73 1.71 48.48
C VAL B 88 26.80 0.78 49.27
N LEU B 89 25.56 0.66 48.78
CA LEU B 89 24.62 -0.34 49.25
C LEU B 89 24.34 -1.36 48.16
N ASN B 90 24.84 -2.56 48.37
CA ASN B 90 24.67 -3.66 47.42
C ASN B 90 23.35 -4.38 47.66
N ASP B 91 22.57 -4.53 46.58
CA ASP B 91 21.33 -5.34 46.57
C ASP B 91 20.31 -4.84 47.56
N LEU B 92 20.04 -3.55 47.49
CA LEU B 92 18.99 -2.96 48.27
C LEU B 92 17.65 -3.58 47.91
N THR B 93 16.90 -3.99 48.94
CA THR B 93 15.62 -4.64 48.79
C THR B 93 14.60 -4.10 49.83
N PHE B 94 13.34 -4.02 49.44
CA PHE B 94 12.22 -3.69 50.29
C PHE B 94 11.32 -4.91 50.34
N MET B 95 10.75 -5.18 51.50
CA MET B 95 9.60 -6.10 51.55
C MET B 95 8.61 -5.70 52.65
N VAL B 96 7.33 -6.03 52.43
CA VAL B 96 6.25 -5.63 53.32
C VAL B 96 5.55 -6.86 53.89
N SER B 97 5.31 -6.82 55.20
CA SER B 97 4.58 -7.89 55.88
C SER B 97 3.09 -7.86 55.53
N ASP B 98 2.37 -8.91 55.91
CA ASP B 98 0.92 -8.83 56.00
C ASP B 98 0.61 -7.69 56.98
N LEU B 99 -0.50 -7.02 56.77
CA LEU B 99 -1.03 -6.05 57.72
C LEU B 99 -2.04 -6.78 58.55
N THR B 100 -2.02 -6.61 59.87
CA THR B 100 -2.88 -7.43 60.74
C THR B 100 -3.61 -6.59 61.77
N SER B 101 -4.76 -7.11 62.21
CA SER B 101 -5.57 -6.47 63.22
C SER B 101 -5.67 -7.31 64.52
N ALA B 104 -7.89 -10.58 61.94
CA ALA B 104 -8.04 -10.24 60.50
C ALA B 104 -6.73 -9.73 59.91
N THR B 105 -6.57 -9.95 58.60
CA THR B 105 -5.32 -9.60 57.90
C THR B 105 -5.58 -9.01 56.49
N ILE B 106 -4.79 -8.00 56.09
CA ILE B 106 -4.66 -7.66 54.68
C ILE B 106 -3.43 -8.43 54.21
N SER B 107 -3.64 -9.37 53.30
CA SER B 107 -2.55 -10.19 52.82
C SER B 107 -1.56 -9.37 51.98
N LYS B 108 -0.28 -9.65 52.13
CA LYS B 108 0.77 -8.87 51.44
C LYS B 108 0.82 -9.04 49.91
N GLU B 109 0.08 -10.02 49.39
CA GLU B 109 -0.26 -10.14 47.96
C GLU B 109 -0.96 -8.91 47.41
N ASN B 110 -1.62 -8.17 48.27
CA ASN B 110 -2.34 -6.96 47.89
C ASN B 110 -1.46 -5.73 47.91
N ILE B 111 -0.17 -5.88 48.21
CA ILE B 111 0.75 -4.78 48.41
C ILE B 111 1.83 -4.86 47.36
N ARG B 112 2.04 -3.76 46.68
CA ARG B 112 3.01 -3.65 45.62
C ARG B 112 4.12 -2.74 46.06
N THR B 113 5.37 -3.17 45.91
CA THR B 113 6.53 -2.32 46.14
C THR B 113 7.28 -2.04 44.83
N GLY B 114 7.86 -0.85 44.76
CA GLY B 114 8.75 -0.51 43.64
C GLY B 114 9.82 0.50 43.97
N PHE B 115 10.94 0.44 43.26
CA PHE B 115 11.91 1.54 43.33
C PHE B 115 11.40 2.71 42.49
N VAL B 116 11.45 3.90 43.04
CA VAL B 116 11.13 5.11 42.29
C VAL B 116 12.37 5.50 41.47
N ARG B 117 12.39 5.13 40.19
CA ARG B 117 13.61 5.27 39.37
C ARG B 117 13.58 6.56 38.59
N TYR B 118 14.74 6.93 38.04
CA TYR B 118 14.97 8.25 37.47
C TYR B 118 14.95 8.28 35.93
N VAL B 119 14.40 9.38 35.40
CA VAL B 119 14.31 9.65 33.96
C VAL B 119 14.80 11.09 33.65
N ILE B 120 15.48 11.28 32.51
CA ILE B 120 15.86 12.62 32.07
C ILE B 120 14.61 13.42 31.70
N THR B 121 14.54 14.62 32.24
CA THR B 121 13.49 15.62 31.99
C THR B 121 14.15 16.97 31.62
N ASP B 122 13.35 17.93 31.17
CA ASP B 122 13.84 19.29 30.95
C ASP B 122 13.07 20.29 31.83
N GLU B 123 12.22 21.12 31.27
CA GLU B 123 11.59 22.24 31.99
C GLU B 123 10.53 22.90 31.11
N LEU B 124 9.83 23.90 31.65
CA LEU B 124 8.90 24.70 30.86
C LEU B 124 9.64 25.46 29.73
N ASN B 125 8.91 26.09 28.81
CA ASN B 125 9.53 27.04 27.88
C ASN B 125 10.20 28.15 28.69
N LYS B 126 11.32 28.65 28.18
CA LYS B 126 12.12 29.69 28.87
C LYS B 126 11.27 30.78 29.48
N ASP B 127 10.27 31.25 28.75
CA ASP B 127 9.34 32.25 29.31
C ASP B 127 8.52 31.79 30.53
N GLY B 128 8.46 30.48 30.79
CA GLY B 128 7.74 29.92 31.93
C GLY B 128 6.23 29.93 31.77
N LEU B 129 5.74 30.43 30.64
CA LEU B 129 4.29 30.62 30.37
C LEU B 129 3.61 29.44 29.69
N GLY B 130 4.40 28.45 29.31
CA GLY B 130 3.82 27.28 28.67
C GLY B 130 4.87 26.27 28.38
N ALA B 131 4.51 25.34 27.51
CA ALA B 131 5.45 24.33 27.07
C ALA B 131 5.18 23.77 25.66
N CYS B 132 4.55 24.53 24.77
CA CYS B 132 4.27 24.03 23.41
C CYS B 132 5.43 24.37 22.47
N GLY B 133 5.31 23.93 21.20
CA GLY B 133 6.30 24.18 20.16
C GLY B 133 7.47 23.21 20.10
N TYR B 134 8.07 23.09 18.92
CA TYR B 134 9.28 22.27 18.68
C TYR B 134 10.44 22.72 19.55
N ARG B 135 11.33 21.80 19.93
CA ARG B 135 12.57 22.18 20.68
C ARG B 135 13.81 21.26 20.46
N ASN B 136 15.01 21.87 20.40
CA ASN B 136 16.29 21.14 20.58
C ASN B 136 16.57 21.01 22.06
N SER B 137 17.02 19.83 22.45
CA SER B 137 17.36 19.56 23.85
C SER B 137 18.50 20.46 24.38
N ALA B 138 19.47 20.78 23.50
CA ALA B 138 20.67 21.58 23.91
C ALA B 138 20.36 23.01 24.41
N ASP B 139 19.23 23.54 23.96
CA ASP B 139 18.72 24.86 24.38
C ASP B 139 17.96 24.85 25.74
N PHE B 140 17.68 23.67 26.29
CA PHE B 140 16.94 23.53 27.54
C PHE B 140 17.77 22.77 28.60
N ASP B 141 17.48 22.98 29.88
CA ASP B 141 18.18 22.22 30.95
C ASP B 141 17.86 20.75 30.84
N SER B 142 18.75 19.89 31.33
CA SER B 142 18.33 18.57 31.65
C SER B 142 18.79 18.07 33.02
N THR B 143 18.01 17.15 33.56
CA THR B 143 18.09 16.78 34.95
C THR B 143 17.46 15.39 35.09
N LEU B 144 17.90 14.59 36.06
CA LEU B 144 17.21 13.35 36.35
C LEU B 144 16.14 13.61 37.38
N VAL B 145 14.96 13.01 37.17
CA VAL B 145 13.86 13.16 38.10
C VAL B 145 13.21 11.80 38.41
N ALA B 146 12.83 11.60 39.68
CA ALA B 146 12.17 10.37 40.13
C ALA B 146 10.74 10.32 39.58
N ASP B 147 10.43 9.28 38.85
CA ASP B 147 9.10 9.16 38.26
C ASP B 147 8.61 7.73 38.03
N VAL B 148 9.51 6.80 37.73
CA VAL B 148 9.12 5.43 37.35
C VAL B 148 8.85 4.60 38.59
N ILE B 149 7.70 3.91 38.66
CA ILE B 149 7.45 2.97 39.75
C ILE B 149 7.91 1.61 39.25
N ASP B 150 9.16 1.24 39.57
CA ASP B 150 9.72 0.01 39.06
C ASP B 150 9.48 -1.14 40.05
N HIS B 151 8.38 -1.84 39.84
CA HIS B 151 8.01 -3.00 40.68
C HIS B 151 8.58 -4.31 40.20
N ILE B 152 9.39 -4.29 39.15
CA ILE B 152 9.83 -5.51 38.49
C ILE B 152 11.23 -5.89 38.95
N THR B 153 12.17 -4.93 38.93
CA THR B 153 13.56 -5.20 39.36
C THR B 153 13.52 -5.50 40.87
N PRO B 154 14.00 -6.70 41.29
CA PRO B 154 13.88 -7.07 42.71
C PRO B 154 14.88 -6.40 43.66
N THR B 155 16.08 -6.10 43.15
CA THR B 155 17.13 -5.39 43.93
C THR B 155 17.83 -4.31 43.10
N LEU B 156 18.34 -3.28 43.78
CA LEU B 156 19.22 -2.29 43.17
C LEU B 156 20.48 -2.04 44.03
N THR B 157 21.61 -1.84 43.38
CA THR B 157 22.86 -1.39 44.02
C THR B 157 23.00 0.12 43.91
N LEU B 158 23.05 0.82 45.04
CA LEU B 158 23.14 2.28 45.03
C LEU B 158 24.58 2.72 45.19
N PRO B 159 25.05 3.65 44.34
CA PRO B 159 26.40 4.19 44.61
C PRO B 159 26.46 5.07 45.88
N ALA B 160 27.66 5.28 46.40
CA ALA B 160 27.89 6.20 47.52
C ALA B 160 27.33 7.59 47.19
N ASN B 161 26.77 8.25 48.20
CA ASN B 161 26.24 9.60 48.08
C ASN B 161 25.10 9.59 47.06
N SER B 162 24.06 8.81 47.35
CA SER B 162 22.86 8.79 46.52
C SER B 162 21.61 8.44 47.33
N THR B 163 20.49 8.83 46.77
CA THR B 163 19.19 8.77 47.40
C THR B 163 18.31 7.90 46.51
N GLN B 164 17.40 7.14 47.10
CA GLN B 164 16.53 6.23 46.35
C GLN B 164 15.16 6.07 47.02
N GLY B 165 14.12 6.47 46.31
CA GLY B 165 12.75 6.30 46.79
C GLY B 165 12.19 4.90 46.61
N GLY B 166 11.27 4.51 47.51
CA GLY B 166 10.54 3.26 47.45
C GLY B 166 9.06 3.57 47.54
N TRP B 167 8.27 3.09 46.54
CA TRP B 167 6.83 3.32 46.50
C TRP B 167 6.09 2.09 47.00
N ILE B 168 5.13 2.28 47.89
CA ILE B 168 4.37 1.17 48.47
C ILE B 168 2.88 1.43 48.17
N SER B 169 2.22 0.49 47.47
CA SER B 169 0.78 0.59 47.16
C SER B 169 0.02 -0.48 47.88
N VAL B 170 -0.94 -0.12 48.72
CA VAL B 170 -1.74 -1.10 49.41
C VAL B 170 -3.09 -1.10 48.75
N ASN B 171 -3.48 -2.23 48.16
CA ASN B 171 -4.81 -2.39 47.52
C ASN B 171 -5.73 -3.03 48.52
N ILE B 172 -6.60 -2.27 49.16
CA ILE B 172 -7.34 -2.82 50.30
C ILE B 172 -8.48 -3.67 49.76
N PRO B 173 -8.47 -4.99 50.03
CA PRO B 173 -9.60 -5.74 49.50
C PRO B 173 -10.95 -5.23 49.99
N GLN B 174 -11.96 -5.49 49.17
CA GLN B 174 -13.30 -5.06 49.45
C GLN B 174 -13.94 -5.63 50.75
N GLY B 175 -13.74 -6.93 51.00
CA GLY B 175 -14.28 -7.57 52.20
C GLY B 175 -13.49 -7.37 53.48
N THR B 176 -12.44 -6.54 53.44
CA THR B 176 -11.61 -6.23 54.61
C THR B 176 -12.47 -5.73 55.79
N LYS B 177 -12.23 -6.26 56.99
CA LYS B 177 -12.90 -5.77 58.19
C LYS B 177 -12.35 -4.38 58.51
N ALA B 178 -13.22 -3.45 58.89
CA ALA B 178 -12.79 -2.12 59.35
C ALA B 178 -11.97 -2.20 60.64
N GLY B 179 -11.06 -1.24 60.83
CA GLY B 179 -10.29 -1.10 62.05
C GLY B 179 -8.82 -0.82 61.79
N LYS B 180 -8.01 -1.06 62.81
CA LYS B 180 -6.62 -0.64 62.86
C LYS B 180 -5.74 -1.79 62.44
N TYR B 181 -4.95 -1.56 61.39
CA TYR B 181 -4.07 -2.58 60.85
C TYR B 181 -2.65 -2.12 61.02
N THR B 182 -1.78 -3.07 61.32
CA THR B 182 -0.41 -2.76 61.55
C THR B 182 0.49 -3.71 60.76
N GLY B 183 1.63 -3.20 60.34
CA GLY B 183 2.56 -3.96 59.53
C GLY B 183 3.91 -3.31 59.42
N THR B 184 4.83 -4.01 58.78
CA THR B 184 6.24 -3.66 58.81
C THR B 184 6.83 -3.63 57.41
N VAL B 185 7.58 -2.57 57.11
CA VAL B 185 8.39 -2.51 55.90
C VAL B 185 9.85 -2.72 56.30
N THR B 186 10.46 -3.78 55.76
CA THR B 186 11.83 -4.17 56.05
C THR B 186 12.73 -3.82 54.87
N VAL B 187 13.77 -3.03 55.12
CA VAL B 187 14.73 -2.64 54.09
C VAL B 187 16.04 -3.31 54.40
N LYS B 188 16.62 -3.97 53.39
CA LYS B 188 17.85 -4.76 53.51
C LYS B 188 18.85 -4.43 52.40
N ALA B 189 20.13 -4.63 52.67
CA ALA B 189 21.25 -4.37 51.74
C ALA B 189 22.49 -5.12 52.27
N ASP B 190 23.37 -5.55 51.35
CA ASP B 190 24.59 -6.38 51.60
C ASP B 190 24.31 -7.58 52.54
N GLY B 191 23.13 -8.20 52.37
CA GLY B 191 22.64 -9.23 53.29
C GLY B 191 21.79 -8.69 54.44
N ILE B 192 22.36 -7.84 55.29
CA ILE B 192 21.76 -7.49 56.57
C ILE B 192 20.50 -6.59 56.47
N THR B 193 19.68 -6.58 57.52
CA THR B 193 18.59 -5.60 57.74
C THR B 193 19.14 -4.22 58.15
N LEU B 194 18.60 -3.14 57.57
CA LEU B 194 19.01 -1.76 57.88
C LEU B 194 18.04 -1.04 58.78
N SER B 195 16.77 -1.15 58.45
CA SER B 195 15.69 -0.62 59.23
C SER B 195 14.40 -1.37 58.98
N GLU B 196 13.56 -1.46 60.02
CA GLU B 196 12.13 -1.68 59.88
C GLU B 196 11.41 -0.33 59.98
N LEU B 197 10.49 -0.09 59.06
CA LEU B 197 9.58 1.05 59.17
C LEU B 197 8.21 0.50 59.54
N LYS B 198 7.46 1.23 60.36
CA LYS B 198 6.12 0.79 60.77
C LYS B 198 5.05 1.43 59.91
N LEU B 199 4.11 0.59 59.48
CA LEU B 199 2.99 0.99 58.64
C LEU B 199 1.71 0.75 59.41
N ASN B 200 0.98 1.82 59.70
CA ASN B 200 -0.32 1.74 60.31
C ASN B 200 -1.39 2.15 59.30
N LEU B 201 -2.48 1.41 59.26
CA LEU B 201 -3.56 1.66 58.34
C LEU B 201 -4.90 1.54 59.05
N GLN B 202 -5.60 2.67 59.13
CA GLN B 202 -6.97 2.71 59.63
C GLN B 202 -7.91 2.45 58.44
N VAL B 203 -8.56 1.29 58.44
CA VAL B 203 -9.57 0.98 57.44
C VAL B 203 -10.97 1.38 57.95
N LYS B 204 -11.58 2.34 57.25
CA LYS B 204 -12.89 2.86 57.64
C LYS B 204 -14.03 1.96 57.20
N ASN B 205 -15.19 2.21 57.75
CA ASN B 205 -16.40 1.40 57.52
C ASN B 205 -17.23 1.91 56.34
N ARG B 206 -16.55 2.46 55.33
CA ARG B 206 -17.09 2.68 53.99
C ARG B 206 -16.33 1.87 52.94
N THR B 207 -17.04 1.50 51.87
CA THR B 207 -16.54 0.69 50.76
C THR B 207 -16.47 1.49 49.42
N LEU B 208 -15.32 1.45 48.76
CA LEU B 208 -15.13 2.06 47.45
C LEU B 208 -15.31 0.93 46.44
N PRO B 209 -16.19 1.12 45.46
CA PRO B 209 -16.30 0.05 44.47
C PRO B 209 -15.00 -0.19 43.70
N PRO B 210 -14.86 -1.35 43.05
CA PRO B 210 -13.72 -1.59 42.17
C PRO B 210 -13.70 -0.67 40.93
N PRO B 211 -12.52 -0.45 40.32
CA PRO B 211 -12.37 0.50 39.21
C PRO B 211 -13.40 0.37 38.11
N SER B 212 -13.75 -0.88 37.75
CA SER B 212 -14.79 -1.13 36.71
C SER B 212 -16.11 -0.42 36.99
N GLU B 213 -16.41 -0.12 38.26
CA GLU B 213 -17.65 0.59 38.67
C GLU B 213 -17.58 2.10 38.93
N TRP B 214 -16.43 2.71 38.72
CA TRP B 214 -16.28 4.15 38.96
C TRP B 214 -17.02 4.97 37.91
N ALA B 215 -17.68 6.03 38.34
CA ALA B 215 -18.29 6.96 37.41
C ALA B 215 -17.26 7.78 36.59
N PHE B 216 -16.11 8.11 37.19
CA PHE B 216 -15.15 9.06 36.58
C PHE B 216 -14.74 8.67 35.17
N HIS B 217 -14.90 9.63 34.26
CA HIS B 217 -14.66 9.38 32.85
C HIS B 217 -13.23 9.75 32.52
N LEU B 218 -12.34 8.77 32.64
CA LEU B 218 -10.93 8.93 32.31
C LEU B 218 -10.67 8.50 30.85
N ASP B 219 -10.10 9.42 30.08
CA ASP B 219 -9.71 9.16 28.71
C ASP B 219 -8.21 9.51 28.55
N LEU B 220 -7.37 8.51 28.37
CA LEU B 220 -5.91 8.68 28.10
C LEU B 220 -5.62 7.92 26.80
N TRP B 221 -5.32 8.65 25.72
CA TRP B 221 -5.32 8.04 24.39
C TRP B 221 -4.23 7.00 24.29
N GLN B 222 -4.57 5.81 23.80
CA GLN B 222 -3.64 4.68 23.77
C GLN B 222 -2.91 4.63 22.43
N ASN B 223 -1.65 4.21 22.47
CA ASN B 223 -0.84 4.05 21.26
C ASN B 223 -0.30 2.62 21.15
N PRO B 224 -1.04 1.74 20.46
CA PRO B 224 -0.55 0.36 20.39
C PRO B 224 0.68 0.24 19.53
N TYR B 225 0.88 1.18 18.60
CA TYR B 225 2.01 1.10 17.68
C TYR B 225 3.32 1.39 18.40
N ALA B 226 3.30 2.20 19.47
CA ALA B 226 4.50 2.42 20.27
C ALA B 226 5.02 1.14 20.92
N VAL B 227 4.11 0.23 21.29
CA VAL B 227 4.49 -0.98 21.96
C VAL B 227 5.06 -1.96 20.95
N SER B 228 4.41 -2.11 19.79
CA SER B 228 4.97 -3.01 18.78
C SER B 228 6.36 -2.52 18.35
N ARG B 229 6.56 -1.21 18.18
CA ARG B 229 7.88 -0.72 17.83
C ARG B 229 8.91 -0.97 18.96
N TYR B 230 8.60 -0.54 20.19
CA TYR B 230 9.57 -0.67 21.28
C TYR B 230 10.06 -2.12 21.48
N TYR B 231 9.13 -3.09 21.53
CA TYR B 231 9.52 -4.51 21.63
C TYR B 231 9.86 -5.21 20.31
N ASN B 232 9.77 -4.50 19.20
CA ASN B 232 10.05 -5.09 17.88
C ASN B 232 9.25 -6.38 17.59
N VAL B 233 7.96 -6.29 17.77
CA VAL B 233 7.06 -7.40 17.44
C VAL B 233 6.05 -6.98 16.39
N GLU B 234 5.46 -7.96 15.72
CA GLU B 234 4.43 -7.70 14.71
C GLU B 234 3.18 -7.12 15.35
N PRO B 235 2.61 -6.06 14.74
CA PRO B 235 1.42 -5.43 15.29
C PRO B 235 0.17 -6.34 15.25
N PHE B 236 -0.44 -6.46 16.43
CA PHE B 236 -1.69 -7.13 16.68
C PHE B 236 -1.47 -8.64 16.60
N SER B 237 -0.22 -9.07 16.76
CA SER B 237 0.15 -10.46 16.99
C SER B 237 -0.12 -10.85 18.46
N LYS B 238 -0.09 -12.14 18.73
CA LYS B 238 -0.27 -12.66 20.08
C LYS B 238 0.76 -12.05 21.07
N LYS B 239 2.02 -11.94 20.64
CA LYS B 239 3.07 -11.31 21.43
C LYS B 239 2.77 -9.85 21.75
N HIS B 240 2.30 -9.11 20.74
CA HIS B 240 1.93 -7.74 20.92
C HIS B 240 0.82 -7.59 21.96
N PHE B 241 -0.24 -8.40 21.83
CA PHE B 241 -1.33 -8.35 22.81
C PHE B 241 -0.89 -8.83 24.22
N ASP B 242 -0.05 -9.84 24.30
CA ASP B 242 0.44 -10.31 25.60
C ASP B 242 1.25 -9.24 26.31
N LEU B 243 2.08 -8.50 25.58
CA LEU B 243 2.76 -7.31 26.10
C LEU B 243 1.81 -6.19 26.54
N MET B 244 0.75 -5.95 25.77
CA MET B 244 -0.16 -4.89 26.10
C MET B 244 -1.13 -5.21 27.21
N ARG B 245 -1.38 -6.47 27.53
CA ARG B 245 -2.35 -6.76 28.54
C ARG B 245 -2.00 -6.06 29.90
N PRO B 246 -0.82 -6.32 30.50
CA PRO B 246 -0.58 -5.60 31.78
C PRO B 246 -0.44 -4.10 31.64
N LEU B 247 0.03 -3.65 30.51
CA LEU B 247 0.21 -2.22 30.28
C LEU B 247 -1.12 -1.44 30.21
N MET B 248 -2.08 -1.96 29.45
CA MET B 248 -3.43 -1.39 29.37
C MET B 248 -4.27 -1.67 30.63
N LYS B 249 -3.95 -2.72 31.35
CA LYS B 249 -4.57 -2.92 32.66
C LYS B 249 -4.29 -1.74 33.59
N LEU B 250 -3.12 -1.09 33.48
CA LEU B 250 -2.82 0.13 34.30
C LEU B 250 -3.83 1.21 34.04
N TYR B 251 -4.25 1.35 32.79
CA TYR B 251 -5.28 2.31 32.41
C TYR B 251 -6.65 1.91 32.89
N ALA B 252 -7.05 0.64 32.68
CA ALA B 252 -8.33 0.15 33.18
C ALA B 252 -8.46 0.28 34.73
N ASP B 253 -7.40 -0.03 35.47
CA ASP B 253 -7.43 0.07 36.96
C ASP B 253 -7.41 1.49 37.50
N ALA B 254 -7.10 2.46 36.64
CA ALA B 254 -7.31 3.85 36.93
C ALA B 254 -8.70 4.35 36.58
N GLY B 255 -9.57 3.50 36.07
CA GLY B 255 -10.91 3.91 35.67
C GLY B 255 -11.09 4.27 34.21
N GLY B 256 -10.18 3.83 33.35
CA GLY B 256 -10.20 4.17 31.95
C GLY B 256 -11.49 3.73 31.31
N LYS B 257 -12.10 4.65 30.58
CA LYS B 257 -13.38 4.37 29.93
C LYS B 257 -13.38 4.32 28.42
N VAL B 258 -12.34 4.87 27.77
CA VAL B 258 -12.39 5.13 26.33
C VAL B 258 -11.32 4.35 25.61
N ILE B 259 -11.72 3.67 24.55
CA ILE B 259 -10.80 3.02 23.62
C ILE B 259 -10.43 3.96 22.46
N THR B 260 -9.14 4.14 22.20
CA THR B 260 -8.69 4.97 21.10
C THR B 260 -8.60 4.10 19.85
N ALA B 261 -9.20 4.49 18.76
CA ALA B 261 -9.06 3.76 17.51
C ALA B 261 -8.65 4.70 16.41
N SER B 262 -7.68 4.28 15.62
CA SER B 262 -7.30 5.01 14.42
C SER B 262 -8.01 4.35 13.24
N ILE B 263 -9.02 5.01 12.67
CA ILE B 263 -9.78 4.41 11.57
C ILE B 263 -9.28 4.85 10.19
N MET B 264 -8.16 5.58 10.19
CA MET B 264 -7.49 5.94 8.97
C MET B 264 -6.01 6.14 9.26
N HIS B 265 -5.24 6.39 8.22
CA HIS B 265 -3.80 6.40 8.27
C HIS B 265 -3.33 7.74 8.79
N LYS B 266 -2.59 7.70 9.91
CA LYS B 266 -1.96 8.88 10.51
C LYS B 266 -2.91 10.01 10.83
N PRO B 267 -3.90 9.77 11.74
CA PRO B 267 -4.80 10.85 12.20
C PRO B 267 -4.13 12.11 12.68
N TRP B 268 -2.94 11.98 13.25
CA TRP B 268 -2.21 13.16 13.73
C TRP B 268 -0.96 13.41 12.97
N ASN B 269 -0.88 12.93 11.73
CA ASN B 269 0.28 13.20 10.87
C ASN B 269 1.65 12.88 11.51
N GLY B 270 1.70 11.80 12.28
CA GLY B 270 2.93 11.32 12.87
C GLY B 270 3.58 12.25 13.86
N GLN B 271 2.81 12.93 14.69
CA GLN B 271 3.36 13.91 15.65
C GLN B 271 4.10 13.24 16.79
N THR B 272 3.70 12.01 17.13
CA THR B 272 4.42 11.21 18.11
C THR B 272 5.55 10.42 17.44
N TYR B 273 6.47 9.87 18.25
CA TYR B 273 7.58 9.05 17.74
C TYR B 273 7.08 7.90 16.84
N ASP B 274 6.03 7.22 17.28
CA ASP B 274 5.34 6.17 16.53
C ASP B 274 4.02 6.67 15.98
N ALA B 275 3.89 6.74 14.66
CA ALA B 275 2.67 7.21 14.05
C ALA B 275 1.59 6.14 14.24
N PHE B 276 0.32 6.56 14.23
CA PHE B 276 -0.80 5.62 14.27
C PHE B 276 -1.11 5.20 12.85
N GLU B 277 -1.11 3.90 12.57
CA GLU B 277 -1.60 3.34 11.28
C GLU B 277 -3.10 3.10 11.32
N SER B 278 -3.68 2.81 10.17
CA SER B 278 -5.12 2.60 10.06
C SER B 278 -5.44 1.23 10.62
N MET B 279 -6.43 1.14 11.50
CA MET B 279 -7.00 -0.12 11.90
C MET B 279 -8.13 -0.62 10.95
N VAL B 280 -8.38 0.08 9.83
CA VAL B 280 -9.39 -0.26 8.85
C VAL B 280 -8.73 -0.32 7.45
N THR B 281 -9.01 -1.36 6.69
CA THR B 281 -8.55 -1.43 5.32
C THR B 281 -9.51 -0.63 4.48
N TRP B 282 -8.96 0.37 3.78
CA TRP B 282 -9.70 1.16 2.80
C TRP B 282 -9.38 0.70 1.38
N LEU B 283 -10.22 -0.14 0.77
CA LEU B 283 -9.89 -0.70 -0.56
C LEU B 283 -10.87 -0.20 -1.63
N LYS B 284 -10.40 0.64 -2.54
CA LYS B 284 -11.18 1.09 -3.66
C LYS B 284 -10.99 0.12 -4.81
N LYS B 285 -12.03 -0.63 -5.14
CA LYS B 285 -11.94 -1.66 -6.17
C LYS B 285 -12.07 -1.02 -7.53
N ALA B 286 -11.59 -1.72 -8.54
CA ALA B 286 -11.52 -1.20 -9.90
C ALA B 286 -12.85 -1.18 -10.61
N ASP B 287 -13.90 -1.74 -10.03
CA ASP B 287 -15.28 -1.64 -10.57
C ASP B 287 -16.08 -0.51 -9.94
N GLY B 288 -15.46 0.43 -9.24
CA GLY B 288 -16.24 1.54 -8.66
C GLY B 288 -16.80 1.29 -7.28
N THR B 289 -16.75 0.05 -6.76
CA THR B 289 -17.13 -0.23 -5.36
C THR B 289 -15.96 -0.18 -4.42
N TRP B 290 -16.27 -0.20 -3.13
CA TRP B 290 -15.27 -0.18 -2.05
C TRP B 290 -15.43 -1.44 -1.19
N TYR B 291 -14.35 -1.89 -0.61
CA TYR B 291 -14.36 -2.93 0.39
C TYR B 291 -13.65 -2.32 1.60
N PHE B 292 -14.29 -2.46 2.75
CA PHE B 292 -13.72 -2.08 4.05
C PHE B 292 -13.62 -3.30 4.93
N ASP B 293 -12.47 -3.48 5.57
CA ASP B 293 -12.29 -4.59 6.48
C ASP B 293 -11.79 -4.08 7.87
N TYR B 294 -12.45 -4.55 8.91
CA TYR B 294 -12.28 -4.05 10.27
C TYR B 294 -11.56 -5.05 11.19
N THR B 295 -10.83 -6.00 10.63
CA THR B 295 -10.23 -7.09 11.44
C THR B 295 -9.30 -6.55 12.58
N VAL B 296 -8.43 -5.58 12.27
CA VAL B 296 -7.60 -5.00 13.28
C VAL B 296 -8.43 -4.29 14.32
N PHE B 297 -9.25 -3.36 13.85
CA PHE B 297 -10.14 -2.58 14.70
C PHE B 297 -10.91 -3.46 15.67
N ASP B 298 -11.57 -4.50 15.16
CA ASP B 298 -12.29 -5.47 15.98
C ASP B 298 -11.43 -6.16 17.06
N LYS B 299 -10.23 -6.63 16.70
CA LYS B 299 -9.33 -7.30 17.65
C LYS B 299 -8.91 -6.37 18.78
N TRP B 300 -8.51 -5.15 18.44
CA TRP B 300 -8.14 -4.12 19.38
C TRP B 300 -9.30 -3.75 20.32
N VAL B 301 -10.48 -3.55 19.75
CA VAL B 301 -11.60 -3.18 20.56
C VAL B 301 -11.98 -4.34 21.51
N GLU B 302 -12.05 -5.58 21.00
CA GLU B 302 -12.41 -6.74 21.85
C GLU B 302 -11.41 -6.91 22.98
N PHE B 303 -10.14 -6.77 22.65
CA PHE B 303 -9.06 -6.89 23.61
C PHE B 303 -9.26 -5.90 24.77
N MET B 304 -9.51 -4.64 24.42
CA MET B 304 -9.63 -3.56 25.42
C MET B 304 -10.91 -3.69 26.25
N MET B 305 -11.98 -4.17 25.64
CA MET B 305 -13.20 -4.49 26.36
C MET B 305 -13.06 -5.66 27.36
N ASP B 306 -12.32 -6.71 27.01
CA ASP B 306 -12.02 -7.85 27.88
C ASP B 306 -11.22 -7.37 29.15
N LEU B 307 -10.45 -6.29 29.04
CA LEU B 307 -9.75 -5.67 30.21
C LEU B 307 -10.59 -4.70 31.01
N GLY B 308 -11.77 -4.37 30.56
CA GLY B 308 -12.69 -3.51 31.34
C GLY B 308 -12.77 -2.09 30.83
N VAL B 309 -12.13 -1.78 29.69
CA VAL B 309 -12.35 -0.51 29.03
C VAL B 309 -13.43 -0.70 27.95
N LYS B 310 -14.67 -0.33 28.26
CA LYS B 310 -15.83 -0.68 27.46
C LYS B 310 -16.91 0.43 27.32
N LYS B 311 -16.70 1.61 27.87
CA LYS B 311 -17.74 2.63 27.81
C LYS B 311 -17.89 3.30 26.46
N GLN B 312 -16.79 3.51 25.76
CA GLN B 312 -16.75 4.39 24.60
C GLN B 312 -15.59 4.03 23.69
N ILE B 313 -15.81 4.11 22.38
CA ILE B 313 -14.77 3.98 21.38
C ILE B 313 -14.73 5.31 20.63
N SER B 314 -13.54 5.90 20.52
CA SER B 314 -13.30 7.19 19.91
C SER B 314 -12.45 6.96 18.68
N CYS B 315 -12.96 7.38 17.51
CA CYS B 315 -12.40 7.04 16.20
C CYS B 315 -11.78 8.27 15.56
N TYR B 316 -10.47 8.23 15.35
CA TYR B 316 -9.73 9.35 14.84
C TYR B 316 -9.18 9.01 13.44
N SER B 317 -9.21 9.93 12.47
CA SER B 317 -9.92 11.19 12.51
C SER B 317 -10.45 11.54 11.14
N MET B 318 -11.61 12.19 11.15
CA MET B 318 -12.17 12.77 9.94
C MET B 318 -11.50 14.07 9.58
N VAL B 319 -10.75 14.64 10.52
CA VAL B 319 -10.16 15.96 10.30
C VAL B 319 -8.68 16.01 10.75
N PRO B 320 -7.78 15.24 10.09
CA PRO B 320 -6.32 15.27 10.39
C PRO B 320 -5.69 16.61 9.95
N TRP B 321 -4.56 17.15 10.46
CA TRP B 321 -4.08 18.55 10.04
C TRP B 321 -3.77 18.64 8.58
N ARG B 322 -3.29 17.53 8.02
CA ARG B 322 -2.73 17.55 6.68
C ARG B 322 -3.83 17.44 5.57
N LEU B 323 -4.96 16.84 5.90
CA LEU B 323 -6.14 16.71 5.02
C LEU B 323 -5.87 15.93 3.73
N SER B 324 -5.24 14.79 3.96
CA SER B 324 -4.82 13.91 2.93
C SER B 324 -5.18 12.52 3.34
N PHE B 325 -6.10 11.89 2.65
CA PHE B 325 -6.64 10.62 3.08
C PHE B 325 -6.16 9.43 2.24
N GLN B 326 -5.41 8.53 2.87
CA GLN B 326 -4.90 7.33 2.27
C GLN B 326 -5.99 6.32 1.95
N TYR B 327 -5.86 5.62 0.85
CA TYR B 327 -6.70 4.45 0.55
C TYR B 327 -5.90 3.51 -0.36
N PHE B 328 -6.27 2.25 -0.35
CA PHE B 328 -5.65 1.30 -1.22
C PHE B 328 -6.35 1.26 -2.57
N ASP B 329 -5.62 1.56 -3.63
CA ASP B 329 -6.22 1.65 -4.97
C ASP B 329 -5.94 0.34 -5.71
N GLN B 330 -6.96 -0.49 -5.88
CA GLN B 330 -6.82 -1.79 -6.55
C GLN B 330 -6.36 -1.72 -7.98
N ALA B 331 -6.90 -0.76 -8.72
CA ALA B 331 -6.61 -0.61 -10.16
C ALA B 331 -5.12 -0.50 -10.42
N SER B 332 -4.43 0.31 -9.61
CA SER B 332 -2.96 0.50 -9.68
C SER B 332 -2.18 -0.32 -8.64
N ASN B 333 -2.87 -1.14 -7.83
CA ASN B 333 -2.31 -1.94 -6.76
C ASN B 333 -1.33 -1.17 -5.88
N SER B 334 -1.76 0.00 -5.45
CA SER B 334 -0.90 0.87 -4.67
C SER B 334 -1.72 1.77 -3.77
N PHE B 335 -1.05 2.36 -2.78
CA PHE B 335 -1.61 3.41 -1.94
C PHE B 335 -1.68 4.76 -2.66
N LYS B 336 -2.83 5.41 -2.52
CA LYS B 336 -3.05 6.76 -3.02
C LYS B 336 -3.63 7.63 -1.93
N PHE B 337 -3.67 8.92 -2.18
CA PHE B 337 -4.18 9.91 -1.24
C PHE B 337 -5.17 10.86 -1.91
N LEU B 338 -6.36 10.98 -1.34
CA LEU B 338 -7.33 12.00 -1.69
C LEU B 338 -7.03 13.24 -0.85
N ASP B 339 -6.83 14.38 -1.52
CA ASP B 339 -6.69 15.67 -0.86
C ASP B 339 -8.04 16.35 -0.96
N ALA B 340 -8.74 16.41 0.16
CA ALA B 340 -10.09 16.94 0.22
C ALA B 340 -10.35 17.48 1.64
N LYS B 341 -11.08 18.59 1.72
CA LYS B 341 -11.20 19.39 2.95
C LYS B 341 -12.67 19.38 3.32
N PRO B 342 -12.99 19.44 4.64
CA PRO B 342 -14.42 19.57 5.02
C PRO B 342 -15.07 20.76 4.34
N GLY B 343 -16.28 20.58 3.84
CA GLY B 343 -16.95 21.61 3.03
C GLY B 343 -16.84 21.34 1.54
N GLU B 344 -16.10 20.31 1.17
CA GLU B 344 -16.04 19.85 -0.22
C GLU B 344 -16.91 18.61 -0.46
N VAL B 345 -17.46 18.55 -1.68
CA VAL B 345 -18.32 17.44 -2.06
C VAL B 345 -17.51 16.14 -2.08
N ALA B 346 -16.25 16.21 -2.53
CA ALA B 346 -15.34 15.07 -2.60
C ALA B 346 -15.07 14.48 -1.20
N TYR B 347 -14.81 15.35 -0.22
CA TYR B 347 -14.70 14.94 1.18
C TYR B 347 -15.98 14.25 1.66
N GLU B 348 -17.12 14.85 1.36
CA GLU B 348 -18.41 14.29 1.71
C GLU B 348 -18.63 12.90 1.10
N GLU B 349 -18.39 12.74 -0.21
CA GLU B 349 -18.55 11.44 -0.89
C GLU B 349 -17.60 10.34 -0.33
N PHE B 350 -16.34 10.67 -0.13
CA PHE B 350 -15.32 9.75 0.39
C PHE B 350 -15.70 9.24 1.78
N TRP B 351 -16.02 10.15 2.70
CA TRP B 351 -16.38 9.77 4.06
C TRP B 351 -17.74 9.15 4.18
N MET B 352 -18.72 9.63 3.44
CA MET B 352 -20.04 8.97 3.45
C MET B 352 -19.95 7.48 3.14
N ASN B 353 -19.18 7.17 2.12
CA ASN B 353 -19.07 5.84 1.66
C ASN B 353 -18.46 4.94 2.80
N MET B 354 -17.38 5.39 3.45
CA MET B 354 -16.81 4.64 4.60
C MET B 354 -17.74 4.61 5.83
N LEU B 355 -18.31 5.76 6.20
CA LEU B 355 -19.11 5.84 7.42
C LEU B 355 -20.36 5.01 7.41
N GLN B 356 -20.96 4.84 6.24
CA GLN B 356 -22.18 4.02 6.13
C GLN B 356 -21.88 2.52 6.23
N ASP B 357 -20.73 2.12 5.71
CA ASP B 357 -20.25 0.75 5.83
C ASP B 357 -19.88 0.49 7.32
N PHE B 358 -19.21 1.47 7.91
CA PHE B 358 -18.74 1.42 9.30
C PHE B 358 -19.94 1.28 10.25
N SER B 359 -20.96 2.10 10.02
CA SER B 359 -22.24 2.06 10.74
C SER B 359 -22.87 0.65 10.79
N LYS B 360 -23.02 0.02 9.63
CA LYS B 360 -23.52 -1.36 9.55
C LYS B 360 -22.64 -2.33 10.32
N HIS B 361 -21.32 -2.22 10.16
CA HIS B 361 -20.42 -3.12 10.85
C HIS B 361 -20.63 -2.99 12.36
N LEU B 362 -20.62 -1.75 12.86
CA LEU B 362 -20.74 -1.47 14.31
C LEU B 362 -22.06 -1.97 14.88
N LYS B 363 -23.14 -1.82 14.12
CA LYS B 363 -24.45 -2.39 14.50
C LYS B 363 -24.44 -3.92 14.56
N ALA B 364 -23.84 -4.56 13.57
CA ALA B 364 -23.62 -6.02 13.59
C ALA B 364 -22.89 -6.47 14.88
N LYS B 365 -21.85 -5.73 15.27
CA LYS B 365 -21.06 -6.02 16.48
C LYS B 365 -21.73 -5.63 17.78
N GLY B 366 -22.70 -4.73 17.73
CA GLY B 366 -23.31 -4.18 18.95
C GLY B 366 -22.54 -3.04 19.62
N TRP B 367 -21.73 -2.33 18.84
CA TRP B 367 -20.87 -1.25 19.34
C TRP B 367 -21.33 0.13 18.91
N PHE B 368 -22.40 0.21 18.12
CA PHE B 368 -22.79 1.49 17.52
C PHE B 368 -23.10 2.57 18.52
N ASP B 369 -23.86 2.22 19.57
CA ASP B 369 -24.28 3.19 20.57
C ASP B 369 -23.11 3.82 21.33
N ILE B 370 -21.97 3.14 21.43
CA ILE B 370 -20.79 3.67 22.17
C ILE B 370 -19.70 4.26 21.27
N THR B 371 -19.87 4.16 19.94
CA THR B 371 -18.79 4.61 19.03
C THR B 371 -18.95 6.10 18.67
N HIS B 372 -17.88 6.88 18.84
CA HIS B 372 -17.87 8.30 18.61
C HIS B 372 -16.86 8.58 17.51
N ILE B 373 -17.25 9.41 16.54
CA ILE B 373 -16.28 10.00 15.60
C ILE B 373 -15.65 11.23 16.26
N ALA B 374 -14.31 11.29 16.29
CA ALA B 374 -13.60 12.21 17.17
C ALA B 374 -12.76 13.24 16.44
N MET B 375 -13.06 14.49 16.75
CA MET B 375 -12.42 15.62 16.18
C MET B 375 -11.40 16.17 17.14
N ASP B 376 -10.50 16.95 16.57
CA ASP B 376 -9.69 17.88 17.28
C ASP B 376 -10.30 19.26 16.79
N GLU B 377 -9.86 20.35 17.40
CA GLU B 377 -10.33 21.73 17.21
C GLU B 377 -9.90 22.40 15.92
N ARG B 378 -10.87 22.96 15.17
CA ARG B 378 -10.62 23.64 13.89
C ARG B 378 -11.59 24.79 13.67
N PRO B 379 -11.30 25.66 12.69
CA PRO B 379 -12.23 26.78 12.38
C PRO B 379 -13.71 26.33 12.34
N MET B 380 -14.61 27.15 12.89
CA MET B 380 -16.00 26.73 13.12
C MET B 380 -16.63 26.11 11.88
N LYS B 381 -16.47 26.81 10.75
CA LYS B 381 -16.79 26.31 9.42
C LYS B 381 -16.47 24.83 9.25
N ASP B 382 -15.22 24.44 9.53
CA ASP B 382 -14.74 23.05 9.31
C ASP B 382 -15.54 22.04 10.08
N MET B 383 -15.81 22.37 11.33
CA MET B 383 -16.35 21.41 12.27
C MET B 383 -17.81 21.13 11.96
N GLN B 384 -18.53 22.19 11.58
CA GLN B 384 -19.94 22.07 11.16
C GLN B 384 -20.10 21.36 9.82
N GLU B 385 -19.18 21.58 8.89
CA GLU B 385 -19.20 20.84 7.62
C GLU B 385 -18.92 19.36 7.87
N THR B 386 -17.97 19.06 8.77
CA THR B 386 -17.70 17.66 9.15
C THR B 386 -18.91 16.99 9.82
N LEU B 387 -19.56 17.71 10.71
CA LEU B 387 -20.82 17.28 11.35
C LEU B 387 -21.95 16.99 10.35
N LYS B 388 -22.17 17.86 9.35
CA LYS B 388 -23.13 17.54 8.23
C LYS B 388 -22.84 16.19 7.59
N VAL B 389 -21.56 15.94 7.33
CA VAL B 389 -21.16 14.69 6.66
C VAL B 389 -21.53 13.46 7.52
N ILE B 390 -21.17 13.53 8.80
CA ILE B 390 -21.47 12.45 9.77
C ILE B 390 -22.96 12.21 9.87
N ARG B 391 -23.73 13.28 9.83
CA ARG B 391 -25.17 13.17 9.99
C ARG B 391 -25.81 12.60 8.75
N LYS B 392 -25.32 12.99 7.57
CA LYS B 392 -25.80 12.40 6.31
C LYS B 392 -25.54 10.90 6.29
N ALA B 393 -24.36 10.49 6.74
CA ALA B 393 -24.02 9.06 6.84
C ALA B 393 -24.90 8.24 7.80
N ASP B 394 -25.02 8.71 9.04
CA ASP B 394 -26.01 8.15 9.96
C ASP B 394 -26.36 9.23 10.98
N LYS B 395 -27.65 9.56 11.05
CA LYS B 395 -28.14 10.60 11.93
C LYS B 395 -27.88 10.30 13.39
N ASP B 396 -27.74 9.03 13.77
CA ASP B 396 -27.46 8.62 15.16
C ASP B 396 -25.99 8.44 15.53
N PHE B 397 -25.06 8.70 14.59
CA PHE B 397 -23.63 8.64 14.92
C PHE B 397 -23.33 9.55 16.07
N LYS B 398 -22.61 9.05 17.06
CA LYS B 398 -22.16 9.92 18.14
C LYS B 398 -20.87 10.59 17.72
N VAL B 399 -20.63 11.79 18.27
CA VAL B 399 -19.49 12.61 17.89
C VAL B 399 -18.82 13.13 19.12
N SER B 400 -17.50 13.24 19.07
CA SER B 400 -16.80 13.86 20.19
C SER B 400 -15.76 14.87 19.78
N LEU B 401 -15.36 15.70 20.74
CA LEU B 401 -14.48 16.80 20.47
C LEU B 401 -13.73 17.17 21.68
N ALA B 402 -12.42 17.26 21.54
CA ALA B 402 -11.55 17.91 22.50
C ALA B 402 -11.02 19.23 21.91
N GLY B 403 -11.52 20.35 22.42
CA GLY B 403 -11.03 21.65 22.01
C GLY B 403 -11.63 22.82 22.77
N THR B 404 -12.19 23.78 22.04
CA THR B 404 -12.59 25.08 22.57
C THR B 404 -14.10 25.05 22.81
N TYR B 405 -14.57 25.92 23.70
CA TYR B 405 -15.99 26.13 23.97
C TYR B 405 -16.71 26.82 22.77
N HIS B 406 -17.81 26.21 22.32
CA HIS B 406 -18.68 26.76 21.31
C HIS B 406 -20.13 26.39 21.68
N LYS B 407 -20.95 27.40 21.95
CA LYS B 407 -22.36 27.19 22.25
C LYS B 407 -23.10 26.42 21.11
N GLU B 408 -22.74 26.77 19.86
CA GLU B 408 -23.22 26.13 18.63
C GLU B 408 -23.19 24.60 18.66
N LEU B 409 -22.21 24.00 19.36
CA LEU B 409 -21.99 22.56 19.30
C LEU B 409 -22.56 21.75 20.49
N LEU B 410 -23.27 22.37 21.44
CA LEU B 410 -23.63 21.67 22.69
C LEU B 410 -24.65 20.54 22.61
N ASP B 411 -25.54 20.56 21.62
CA ASP B 411 -26.46 19.41 21.41
C ASP B 411 -25.87 18.37 20.46
N ASP B 412 -24.94 18.79 19.57
CA ASP B 412 -24.35 17.84 18.61
C ASP B 412 -23.22 16.94 19.14
N LEU B 413 -22.59 17.35 20.22
CA LEU B 413 -21.43 16.65 20.74
C LEU B 413 -21.82 15.78 21.93
N ASN B 414 -21.79 14.46 21.75
CA ASN B 414 -22.11 13.53 22.83
C ASN B 414 -21.00 13.46 23.88
N ASP B 415 -19.76 13.75 23.48
CA ASP B 415 -18.62 13.85 24.39
C ASP B 415 -17.87 15.13 24.05
N TYR B 416 -17.88 16.11 24.96
CA TYR B 416 -17.31 17.42 24.72
C TYR B 416 -16.29 17.66 25.82
N CYS B 417 -15.03 17.81 25.43
CA CYS B 417 -13.93 18.07 26.30
C CYS B 417 -13.33 19.43 26.00
N ILE B 418 -13.17 20.23 27.04
CA ILE B 418 -12.87 21.64 26.94
C ILE B 418 -11.51 21.90 27.61
N THR B 419 -10.75 22.86 27.10
CA THR B 419 -9.54 23.35 27.78
C THR B 419 -9.85 23.75 29.25
N ILE B 420 -8.92 23.48 30.18
CA ILE B 420 -9.13 23.82 31.62
C ILE B 420 -9.45 25.32 31.85
N ALA B 421 -8.89 26.18 31.00
CA ALA B 421 -9.12 27.64 31.02
C ALA B 421 -10.56 28.10 30.75
N GLU B 422 -11.37 27.29 30.09
CA GLU B 422 -12.73 27.68 29.71
C GLU B 422 -13.73 26.91 30.55
N LYS B 423 -14.98 27.34 30.56
CA LYS B 423 -16.00 26.76 31.42
C LYS B 423 -17.31 26.56 30.70
N PHE B 424 -18.00 25.48 31.07
CA PHE B 424 -19.43 25.36 30.81
C PHE B 424 -20.16 26.01 31.99
N THR B 425 -21.37 26.52 31.74
CA THR B 425 -22.22 27.01 32.80
C THR B 425 -22.76 25.79 33.58
N PRO B 426 -23.20 26.00 34.83
CA PRO B 426 -23.84 24.87 35.53
C PRO B 426 -25.09 24.29 34.83
N GLU B 427 -25.87 25.14 34.16
CA GLU B 427 -27.10 24.71 33.45
C GLU B 427 -26.72 23.84 32.26
N GLU B 428 -25.69 24.27 31.52
CA GLU B 428 -25.16 23.49 30.38
C GLU B 428 -24.72 22.11 30.82
N ILE B 429 -23.98 22.05 31.91
CA ILE B 429 -23.56 20.77 32.45
C ILE B 429 -24.77 19.86 32.82
N GLU B 430 -25.78 20.41 33.48
CA GLU B 430 -26.90 19.61 33.95
C GLU B 430 -27.79 19.14 32.78
N ALA B 431 -28.02 20.04 31.82
CA ALA B 431 -28.68 19.65 30.57
C ALA B 431 -27.92 18.52 29.86
N ARG B 432 -26.60 18.62 29.81
CA ARG B 432 -25.79 17.60 29.17
C ARG B 432 -25.80 16.27 30.01
N ARG B 433 -25.70 16.37 31.33
CA ARG B 433 -25.86 15.19 32.17
C ARG B 433 -27.22 14.52 32.03
N LYS B 434 -28.29 15.29 31.96
CA LYS B 434 -29.61 14.66 31.86
C LYS B 434 -29.83 13.98 30.51
N ALA B 435 -29.15 14.48 29.46
CA ALA B 435 -29.28 13.90 28.10
C ALA B 435 -28.39 12.67 27.91
N GLY B 436 -27.60 12.32 28.94
CA GLY B 436 -26.73 11.15 28.91
C GLY B 436 -25.37 11.43 28.28
N LYS B 437 -25.00 12.69 28.16
CA LYS B 437 -23.79 13.09 27.46
C LYS B 437 -22.66 13.21 28.45
N VAL B 438 -21.45 13.27 27.92
CA VAL B 438 -20.23 13.32 28.69
C VAL B 438 -19.62 14.69 28.53
N THR B 439 -19.16 15.25 29.65
CA THR B 439 -18.58 16.60 29.68
C THR B 439 -17.32 16.59 30.55
N THR B 440 -16.17 16.94 29.98
CA THR B 440 -14.87 16.83 30.65
C THR B 440 -14.00 18.03 30.33
N TYR B 441 -12.78 18.01 30.85
CA TYR B 441 -11.77 18.99 30.50
C TYR B 441 -10.44 18.30 30.23
N TYR B 442 -9.51 19.03 29.62
CA TYR B 442 -8.15 18.52 29.40
C TYR B 442 -7.09 19.56 29.66
N THR B 443 -5.86 19.07 29.80
CA THR B 443 -4.66 19.86 29.72
C THR B 443 -3.73 19.23 28.71
N CYS B 444 -2.78 20.02 28.25
CA CYS B 444 -1.77 19.53 27.32
C CYS B 444 -0.51 20.40 27.51
N CYS B 445 0.30 20.59 26.46
CA CYS B 445 1.48 21.43 26.54
C CYS B 445 1.25 22.93 26.84
N THR B 446 0.01 23.44 26.71
CA THR B 446 -0.26 24.87 26.96
C THR B 446 -0.08 25.31 28.43
N GLU B 447 -0.61 24.52 29.38
CA GLU B 447 -0.68 24.91 30.79
C GLU B 447 0.63 24.58 31.51
N PRO B 448 1.28 25.59 32.14
CA PRO B 448 2.43 25.30 33.00
C PRO B 448 2.01 24.39 34.14
N ARG B 449 0.90 24.69 34.82
CA ARG B 449 0.29 23.79 35.83
C ARG B 449 -1.22 23.96 35.81
N PRO B 450 -1.98 23.03 36.34
CA PRO B 450 -1.55 21.72 36.74
C PRO B 450 -1.26 20.86 35.50
N ASN B 451 -0.29 19.95 35.60
CA ASN B 451 0.07 19.05 34.50
C ASN B 451 0.82 17.79 34.94
N THR B 452 1.14 16.95 33.96
CA THR B 452 1.72 15.64 34.16
C THR B 452 2.97 15.58 33.29
N PHE B 453 3.74 16.67 33.25
CA PHE B 453 5.13 16.60 32.79
C PHE B 453 5.95 15.84 33.85
N THR B 454 7.08 15.28 33.42
CA THR B 454 7.89 14.50 34.33
C THR B 454 8.50 15.34 35.45
N PHE B 455 8.67 16.65 35.23
CA PHE B 455 9.09 17.61 36.27
C PHE B 455 7.91 18.29 37.01
N SER B 456 6.66 18.00 36.67
CA SER B 456 5.52 18.55 37.44
C SER B 456 5.50 17.97 38.87
N GLU B 457 4.99 18.73 39.82
CA GLU B 457 4.84 18.25 41.21
C GLU B 457 3.84 17.09 41.19
N PRO B 458 4.15 15.98 41.88
CA PRO B 458 3.23 14.86 41.94
C PRO B 458 1.77 15.20 42.29
N ALA B 459 1.54 16.10 43.24
CA ALA B 459 0.17 16.41 43.66
C ALA B 459 -0.67 17.05 42.54
N GLU B 460 -0.02 17.68 41.55
CA GLU B 460 -0.71 18.28 40.42
C GLU B 460 -1.50 17.24 39.65
N ALA B 461 -0.99 16.01 39.54
CA ALA B 461 -1.71 14.93 38.92
C ALA B 461 -3.00 14.54 39.69
N GLU B 462 -2.93 14.50 41.00
CA GLU B 462 -4.12 14.24 41.82
C GLU B 462 -5.10 15.40 41.72
N TRP B 463 -4.57 16.62 41.84
CA TRP B 463 -5.35 17.86 41.68
C TRP B 463 -6.34 17.81 40.50
N LEU B 464 -5.88 17.25 39.37
CA LEU B 464 -6.71 17.20 38.16
C LEU B 464 -8.05 16.54 38.42
N ALA B 465 -8.06 15.45 39.19
CA ALA B 465 -9.32 14.77 39.55
C ALA B 465 -10.19 15.57 40.50
N TRP B 466 -9.60 16.23 41.50
CA TRP B 466 -10.37 17.11 42.39
C TRP B 466 -11.01 18.28 41.64
N HIS B 467 -10.29 18.82 40.64
CA HIS B 467 -10.82 19.90 39.81
C HIS B 467 -12.08 19.47 39.08
N SER B 468 -12.12 18.24 38.59
CA SER B 468 -13.33 17.70 37.94
C SER B 468 -14.52 17.66 38.91
N ALA B 469 -14.26 17.24 40.15
CA ALA B 469 -15.33 17.24 41.15
C ALA B 469 -15.82 18.67 41.44
N LYS B 470 -14.91 19.64 41.52
CA LYS B 470 -15.28 21.05 41.74
C LYS B 470 -16.20 21.60 40.65
N GLU B 471 -15.88 21.27 39.41
CA GLU B 471 -16.59 21.81 38.27
C GLU B 471 -17.85 21.05 37.89
N ASN B 472 -18.22 20.02 38.66
CA ASN B 472 -19.22 19.01 38.31
C ASN B 472 -19.02 18.43 36.93
N LEU B 473 -17.77 18.19 36.56
CA LEU B 473 -17.44 17.58 35.27
C LEU B 473 -17.37 16.06 35.45
N ASP B 474 -17.49 15.33 34.35
CA ASP B 474 -17.57 13.87 34.43
C ASP B 474 -16.20 13.26 34.55
N GLY B 475 -15.14 14.03 34.27
CA GLY B 475 -13.80 13.47 34.33
C GLY B 475 -12.73 14.33 33.70
N TYR B 476 -11.72 13.68 33.14
CA TYR B 476 -10.51 14.30 32.63
C TYR B 476 -9.94 13.52 31.42
N LEU B 477 -9.32 14.25 30.50
CA LEU B 477 -8.79 13.70 29.24
C LEU B 477 -7.39 14.16 29.04
N ARG B 478 -6.51 13.26 28.60
CA ARG B 478 -5.20 13.64 28.14
C ARG B 478 -4.83 12.86 26.90
N TRP B 479 -4.07 13.48 26.03
CA TRP B 479 -3.85 12.98 24.69
C TRP B 479 -2.86 11.81 24.53
N ALA B 480 -2.13 11.41 25.59
CA ALA B 480 -1.08 10.41 25.45
C ALA B 480 -0.81 9.57 26.70
N LEU B 481 -1.36 8.36 26.69
CA LEU B 481 -1.04 7.36 27.72
C LEU B 481 0.36 6.75 27.61
N ASN B 482 0.74 6.38 26.39
CA ASN B 482 1.93 5.60 26.16
C ASN B 482 2.55 5.83 24.79
N SER B 483 2.58 7.08 24.34
CA SER B 483 3.19 7.41 23.05
C SER B 483 4.68 7.64 23.27
N TRP B 484 5.36 6.52 23.58
CA TRP B 484 6.73 6.50 24.01
C TRP B 484 7.67 7.12 22.96
N VAL B 485 8.64 7.87 23.48
CA VAL B 485 9.80 8.32 22.72
C VAL B 485 10.72 7.11 22.50
N LYS B 486 11.89 7.34 21.96
CA LYS B 486 12.81 6.23 21.66
C LYS B 486 13.17 5.32 22.82
N ASN B 487 13.64 5.92 23.93
CA ASN B 487 14.16 5.21 25.14
C ASN B 487 13.39 5.74 26.37
N PRO B 488 12.11 5.36 26.48
CA PRO B 488 11.24 6.03 27.45
C PRO B 488 11.60 5.78 28.91
N LEU B 489 12.24 4.66 29.22
CA LEU B 489 12.78 4.39 30.58
C LEU B 489 13.91 5.31 31.00
N GLN B 490 14.70 5.81 30.04
CA GLN B 490 15.89 6.63 30.34
C GLN B 490 15.66 8.13 30.20
N ASP B 491 14.91 8.52 29.17
CA ASP B 491 14.85 9.92 28.75
C ASP B 491 13.45 10.25 28.25
N SER B 492 12.77 11.16 28.93
CA SER B 492 11.36 11.49 28.65
C SER B 492 11.20 12.68 27.72
N ARG B 493 12.31 13.26 27.28
CA ARG B 493 12.31 14.38 26.33
C ARG B 493 11.94 13.95 24.93
N PHE B 494 11.52 14.93 24.14
CA PHE B 494 11.11 14.72 22.75
C PHE B 494 11.42 15.97 21.92
N THR B 495 11.45 15.83 20.60
CA THR B 495 11.62 16.93 19.65
C THR B 495 10.55 18.02 19.75
N ALA B 496 9.41 17.72 20.36
CA ALA B 496 8.40 18.74 20.66
C ALA B 496 7.93 18.60 22.11
N TRP B 497 7.53 19.74 22.68
CA TRP B 497 6.86 19.81 23.97
C TRP B 497 7.75 19.49 25.16
N ALA B 498 7.21 19.75 26.36
CA ALA B 498 7.91 19.50 27.62
C ALA B 498 7.98 18.00 27.85
N ALA B 499 9.04 17.57 28.51
CA ALA B 499 9.28 16.17 28.77
C ALA B 499 8.14 15.51 29.57
N GLY B 500 7.72 14.36 29.11
CA GLY B 500 6.67 13.65 29.77
C GLY B 500 5.29 13.87 29.21
N ASP B 501 5.17 14.82 28.29
CA ASP B 501 3.90 15.12 27.68
C ASP B 501 3.36 13.90 26.89
N THR B 502 4.23 13.05 26.38
CA THR B 502 3.80 12.00 25.44
C THR B 502 3.50 10.67 26.08
N TYR B 503 3.73 10.53 27.39
CA TYR B 503 3.36 9.27 28.09
C TYR B 503 3.38 9.36 29.58
N MET B 504 2.57 8.50 30.18
CA MET B 504 2.36 8.42 31.62
C MET B 504 2.67 7.05 32.23
N ILE B 505 2.84 6.04 31.39
CA ILE B 505 3.24 4.73 31.79
C ILE B 505 4.45 4.29 31.02
N TYR B 506 5.13 3.28 31.53
CA TYR B 506 6.43 2.85 31.03
C TYR B 506 6.49 1.40 30.60
N PRO B 507 7.48 1.05 29.77
CA PRO B 507 7.77 -0.34 29.47
C PRO B 507 7.93 -1.22 30.70
N GLY B 508 7.37 -2.41 30.59
CA GLY B 508 7.24 -3.36 31.65
C GLY B 508 5.92 -3.28 32.39
N ALA B 509 4.95 -2.54 31.85
CA ALA B 509 3.72 -2.24 32.57
C ALA B 509 4.12 -1.58 33.91
N ARG B 510 5.04 -0.62 33.86
CA ARG B 510 5.40 0.15 35.03
C ARG B 510 4.60 1.46 35.05
N SER B 511 4.00 1.73 36.19
CA SER B 511 3.29 2.97 36.42
C SER B 511 4.28 4.13 36.75
N SER B 512 3.77 5.36 36.70
CA SER B 512 4.50 6.55 37.08
C SER B 512 3.90 7.11 38.35
N ILE B 513 4.64 7.99 39.00
CA ILE B 513 4.14 8.73 40.13
C ILE B 513 2.91 9.48 39.67
N ARG B 514 3.00 10.04 38.47
CA ARG B 514 1.90 10.85 37.91
C ARG B 514 0.60 10.02 37.81
N LEU B 515 0.64 8.82 37.28
CA LEU B 515 -0.60 8.01 37.16
C LEU B 515 -1.11 7.52 38.52
N GLU B 516 -0.21 7.25 39.44
CA GLU B 516 -0.60 6.82 40.78
C GLU B 516 -1.31 7.93 41.56
N ARG B 517 -0.80 9.14 41.46
CA ARG B 517 -1.43 10.28 42.06
C ARG B 517 -2.81 10.63 41.38
N LEU B 518 -2.86 10.54 40.08
CA LEU B 518 -4.11 10.74 39.39
C LEU B 518 -5.17 9.75 39.83
N THR B 519 -4.78 8.51 39.96
CA THR B 519 -5.67 7.47 40.45
C THR B 519 -6.16 7.75 41.86
N GLU B 520 -5.30 8.24 42.73
CA GLU B 520 -5.79 8.61 44.08
C GLU B 520 -6.82 9.73 44.01
N GLY B 521 -6.53 10.75 43.21
CA GLY B 521 -7.51 11.79 42.92
C GLY B 521 -8.84 11.23 42.45
N ILE B 522 -8.81 10.30 41.52
CA ILE B 522 -10.05 9.72 40.97
C ILE B 522 -10.84 8.98 42.04
N GLN B 523 -10.13 8.28 42.92
CA GLN B 523 -10.76 7.56 44.03
C GLN B 523 -11.50 8.51 44.96
N PHE B 524 -10.89 9.65 45.26
CA PHE B 524 -11.53 10.70 46.01
C PHE B 524 -12.71 11.34 45.30
N PHE B 525 -12.63 11.53 43.97
CA PHE B 525 -13.79 11.93 43.16
C PHE B 525 -14.95 10.95 43.37
N GLU B 526 -14.68 9.66 43.37
CA GLU B 526 -15.73 8.66 43.66
C GLU B 526 -16.28 8.75 45.11
N LYS B 527 -15.37 8.98 46.06
CA LYS B 527 -15.80 9.18 47.47
C LYS B 527 -16.74 10.36 47.63
N VAL B 528 -16.37 11.47 47.01
CA VAL B 528 -17.21 12.65 47.07
C VAL B 528 -18.64 12.37 46.53
N ARG B 529 -18.70 11.64 45.44
CA ARG B 529 -19.95 11.27 44.79
C ARG B 529 -20.80 10.36 45.69
N ILE B 530 -20.16 9.36 46.32
CA ILE B 530 -20.85 8.45 47.24
C ILE B 530 -21.33 9.21 48.51
N LEU B 531 -20.49 10.10 49.03
CA LEU B 531 -20.84 10.90 50.21
C LEU B 531 -22.00 11.87 49.93
N LYS B 532 -22.04 12.49 48.75
CA LYS B 532 -23.13 13.41 48.43
C LYS B 532 -24.45 12.65 48.25
N GLU B 533 -24.38 11.45 47.68
CA GLU B 533 -25.58 10.57 47.60
C GLU B 533 -26.16 10.23 48.97
N GLU B 534 -25.28 9.96 49.93
CA GLU B 534 -25.72 9.65 51.31
C GLU B 534 -26.25 10.89 52.04
N PHE B 535 -25.59 12.04 51.85
CA PHE B 535 -26.00 13.28 52.51
C PHE B 535 -27.27 13.96 51.98
N GLU B 536 -27.50 13.84 50.66
CA GLU B 536 -28.75 14.32 50.04
C GLU B 536 -29.90 13.51 50.58
N GLU B 537 -29.76 12.20 50.54
CA GLU B 537 -30.77 11.29 51.08
C GLU B 537 -31.11 11.49 52.55
N LYS B 538 -30.12 11.89 53.36
CA LYS B 538 -30.35 12.13 54.79
C LYS B 538 -30.66 13.59 55.15
N GLY B 539 -30.73 14.47 54.14
CA GLY B 539 -31.02 15.88 54.34
C GLY B 539 -29.91 16.64 55.06
N ASN B 540 -28.71 16.06 55.12
CA ASN B 540 -27.58 16.69 55.80
C ASN B 540 -26.98 17.72 54.86
N LYS B 541 -27.64 18.87 54.77
CA LYS B 541 -27.26 19.94 53.84
C LYS B 541 -25.93 20.58 54.21
N GLY B 542 -25.57 20.49 55.49
CA GLY B 542 -24.37 21.10 56.00
C GLY B 542 -23.11 20.43 55.51
N ALA B 543 -23.03 19.13 55.72
CA ALA B 543 -21.96 18.32 55.19
C ALA B 543 -21.75 18.58 53.69
N ILE B 544 -22.83 18.82 52.94
CA ILE B 544 -22.74 19.10 51.48
C ILE B 544 -22.12 20.47 51.20
N LYS B 545 -22.53 21.47 51.97
CA LYS B 545 -21.98 22.82 51.81
C LYS B 545 -20.48 22.87 52.20
N ASN B 546 -20.07 21.97 53.10
CA ASN B 546 -18.68 21.84 53.56
C ASN B 546 -17.78 21.16 52.53
N ILE B 547 -18.29 20.10 51.91
CA ILE B 547 -17.57 19.44 50.84
C ILE B 547 -17.34 20.44 49.71
N ASP B 548 -18.35 21.23 49.37
CA ASP B 548 -18.22 22.25 48.30
C ASP B 548 -17.27 23.40 48.62
N LYS B 549 -17.16 23.75 49.91
CA LYS B 549 -16.25 24.82 50.37
C LYS B 549 -14.79 24.35 50.22
N THR B 550 -14.60 23.06 50.45
CA THR B 550 -13.30 22.42 50.28
C THR B 550 -12.94 22.32 48.80
N LEU B 551 -13.92 21.95 47.98
CA LEU B 551 -13.75 21.85 46.52
C LEU B 551 -13.39 23.20 45.90
N LYS B 552 -13.75 24.33 46.53
CA LYS B 552 -13.36 25.69 46.05
C LYS B 552 -11.87 25.93 45.92
N MET B 553 -11.07 25.17 46.64
CA MET B 553 -9.61 25.25 46.54
C MET B 553 -9.04 24.88 45.16
N PHE B 554 -9.78 24.07 44.39
CA PHE B 554 -9.29 23.57 43.12
C PHE B 554 -9.63 24.45 41.90
N ASP B 555 -9.40 25.76 42.05
CA ASP B 555 -9.53 26.72 40.97
C ASP B 555 -8.16 26.95 40.37
N GLU B 556 -8.07 27.00 39.04
CA GLU B 556 -6.76 27.12 38.32
C GLU B 556 -6.16 28.52 38.33
N SER B 557 -6.90 29.50 38.86
CA SER B 557 -6.40 30.86 39.11
C SER B 557 -5.89 31.06 40.55
N SER B 558 -6.20 30.10 41.43
CA SER B 558 -5.90 30.18 42.86
C SER B 558 -4.65 29.40 43.31
N MET B 559 -3.82 28.95 42.37
CA MET B 559 -2.65 28.13 42.70
C MET B 559 -1.46 28.90 43.30
N ASP B 560 -1.48 30.23 43.19
CA ASP B 560 -0.54 31.10 43.94
C ASP B 560 -1.04 31.51 45.33
N LYS B 561 -2.33 31.28 45.60
CA LYS B 561 -2.87 31.48 46.94
C LYS B 561 -2.72 30.20 47.75
N ILE B 562 -3.06 29.05 47.14
CA ILE B 562 -2.97 27.73 47.78
C ILE B 562 -2.29 26.77 46.83
N SER B 563 -1.10 26.28 47.19
CA SER B 563 -0.37 25.40 46.29
C SER B 563 -1.19 24.10 46.04
N PRO B 564 -1.03 23.49 44.86
CA PRO B 564 -1.69 22.24 44.63
C PRO B 564 -1.47 21.17 45.70
N THR B 565 -0.25 21.07 46.23
CA THR B 565 0.06 20.11 47.28
C THR B 565 -0.79 20.36 48.54
N THR B 566 -0.81 21.62 48.98
CA THR B 566 -1.56 21.99 50.18
C THR B 566 -3.05 21.73 50.01
N ALA B 567 -3.59 22.07 48.85
CA ALA B 567 -5.02 21.91 48.59
C ALA B 567 -5.39 20.45 48.63
N VAL B 568 -4.58 19.63 47.94
CA VAL B 568 -4.83 18.18 47.89
C VAL B 568 -4.75 17.55 49.28
N ASN B 569 -3.72 17.89 50.04
CA ASN B 569 -3.61 17.37 51.40
C ASN B 569 -4.74 17.81 52.33
N LYS B 570 -5.17 19.08 52.28
CA LYS B 570 -6.32 19.52 53.12
C LYS B 570 -7.59 18.79 52.71
N ALA B 571 -7.85 18.72 51.41
CA ALA B 571 -9.09 18.14 50.94
C ALA B 571 -9.23 16.66 51.31
N LYS B 572 -8.14 15.90 51.20
CA LYS B 572 -8.13 14.45 51.53
C LYS B 572 -8.59 14.22 52.96
N LYS B 573 -8.09 15.06 53.86
CA LYS B 573 -8.43 14.95 55.27
C LYS B 573 -9.92 15.19 55.52
N VAL B 574 -10.49 16.19 54.85
CA VAL B 574 -11.90 16.54 55.03
C VAL B 574 -12.83 15.39 54.62
N ILE B 575 -12.55 14.78 53.48
CA ILE B 575 -13.38 13.70 52.97
C ILE B 575 -13.29 12.43 53.85
N ASN B 576 -12.08 12.14 54.31
CA ASN B 576 -11.82 11.00 55.19
C ASN B 576 -12.43 11.10 56.58
N ARG B 577 -12.78 12.30 57.04
CA ARG B 577 -13.51 12.41 58.33
C ARG B 577 -14.96 11.88 58.30
N TYR B 578 -15.59 11.87 57.14
CA TYR B 578 -17.01 11.49 57.06
C TYR B 578 -17.23 9.97 57.12
#